data_7XYO
#
_entry.id   7XYO
#
_cell.length_a   96.679
_cell.length_b   113.278
_cell.length_c   132.345
_cell.angle_alpha   90.000
_cell.angle_beta   90.000
_cell.angle_gamma   90.000
#
_symmetry.space_group_name_H-M   'P 21 21 21'
#
loop_
_entity.id
_entity.type
_entity.pdbx_description
1 polymer 'Aminopeptidase M61'
2 non-polymer 'TETRAETHYLENE GLYCOL'
3 non-polymer 'HEXAETHYLENE GLYCOL'
4 non-polymer 'ZINC ION'
5 water water
#
_entity_poly.entity_id   1
_entity_poly.type   'polypeptide(L)'
_entity_poly.pdbx_seq_one_letter_code
;MGSSHHHHHHSQGPGDIHYRVKPVPAADRTDLRVTVQFQAPDATPLTVRLPEDCYGTPDLHQYVRSFQGMDGVKVSAGGD
ARERKVFPRPDGRVSLRYVLSFDPRGLDGVSFGPNVGPGHFHVAGCQWLLRLGDAEARRRYVIQVEDAPAGWKLYSSLGG
DALRTETTASYEDLTSSALGGGSGGFHRFEVRGKSVSLFVDGAFDVPRQQLFTALERIITSQREWFQEDGPDYFHVALRP
RSGIIAGVALDHAFICFAKRESRPTELHLLFAHEMFHAWLPGKLRIEPPKGEPELRHEWFSEGFTEYFARRLLVDARLLP
EEALAELFNQDLINLADNPHRAETYEQVVKASRMQAYTSAYKKLAYYRGALMALDWDARLRAQGSGASLGKLLRELHALA
AGRGGELSEDAFFDVLAAHGLEGRGDFERHILRGEPITVAPEALGPAFVPRARDVASFDPGLSLEQTFKARVLKGVIPGG
PAYEAGLREGMKWVSARNSSRFVNGWRADLPLEIIVEVEGQPRRFAFFPRGPVRTLMLFQPRTPPGEQTGSSKGPKP
;
_entity_poly.pdbx_strand_id   A,B
#
# COMPACT_ATOMS: atom_id res chain seq x y z
N GLY A 15 -20.46 -4.09 34.44
CA GLY A 15 -20.33 -5.32 33.70
C GLY A 15 -19.08 -5.39 32.85
N ASP A 16 -18.99 -6.41 32.01
CA ASP A 16 -17.85 -6.62 31.12
C ASP A 16 -18.29 -6.44 29.68
N ILE A 17 -17.46 -5.77 28.86
CA ILE A 17 -17.71 -5.55 27.46
C ILE A 17 -16.56 -6.31 26.82
N HIS A 18 -16.86 -7.14 25.86
CA HIS A 18 -15.85 -7.93 25.22
C HIS A 18 -15.82 -7.70 23.75
N TYR A 19 -14.69 -7.21 23.28
CA TYR A 19 -14.52 -6.89 21.89
C TYR A 19 -13.61 -7.77 21.09
N ARG A 20 -13.99 -8.04 19.88
CA ARG A 20 -13.14 -8.82 18.98
C ARG A 20 -13.06 -8.09 17.65
N VAL A 21 -11.85 -7.78 17.21
CA VAL A 21 -11.62 -7.02 15.99
C VAL A 21 -10.80 -7.86 15.03
N LYS A 22 -11.31 -8.05 13.80
CA LYS A 22 -10.67 -8.74 12.70
C LYS A 22 -10.25 -7.78 11.56
N PRO A 23 -8.92 -7.53 11.36
CA PRO A 23 -8.56 -6.70 10.21
C PRO A 23 -8.63 -7.53 8.92
N VAL A 24 -9.52 -7.16 7.99
CA VAL A 24 -9.75 -7.84 6.75
C VAL A 24 -9.21 -6.99 5.59
N PRO A 25 -7.98 -7.32 5.06
CA PRO A 25 -7.45 -6.54 3.94
C PRO A 25 -8.37 -6.59 2.73
N ALA A 26 -8.38 -5.50 1.97
CA ALA A 26 -9.22 -5.39 0.78
C ALA A 26 -8.40 -4.75 -0.33
N ALA A 27 -9.07 -4.38 -1.42
CA ALA A 27 -8.38 -3.85 -2.58
C ALA A 27 -7.74 -2.50 -2.28
N ASP A 28 -8.51 -1.56 -1.73
CA ASP A 28 -8.03 -0.21 -1.46
C ASP A 28 -7.97 0.13 0.01
N ARG A 29 -8.38 -0.76 0.90
CA ARG A 29 -8.49 -0.43 2.31
C ARG A 29 -8.30 -1.71 3.13
N THR A 30 -8.49 -1.57 4.44
CA THR A 30 -8.51 -2.71 5.36
C THR A 30 -9.74 -2.54 6.24
N ASP A 31 -10.72 -3.44 6.08
CA ASP A 31 -11.94 -3.36 6.86
C ASP A 31 -11.73 -3.95 8.25
N LEU A 32 -12.63 -3.60 9.16
CA LEU A 32 -12.58 -4.06 10.54
C LEU A 32 -13.90 -4.76 10.87
N ARG A 33 -13.84 -6.08 11.05
CA ARG A 33 -15.00 -6.86 11.48
C ARG A 33 -14.97 -6.90 13.01
N VAL A 34 -15.89 -6.18 13.65
CA VAL A 34 -15.91 -6.03 15.10
C VAL A 34 -17.07 -6.83 15.66
N THR A 35 -16.76 -7.81 16.50
CA THR A 35 -17.76 -8.58 17.22
C THR A 35 -17.67 -8.25 18.70
N VAL A 36 -18.80 -7.86 19.29
CA VAL A 36 -18.86 -7.38 20.67
C VAL A 36 -19.85 -8.23 21.45
N GLN A 37 -19.52 -8.62 22.68
CA GLN A 37 -20.41 -9.37 23.51
C GLN A 37 -20.52 -8.69 24.88
N PHE A 38 -21.71 -8.37 25.31
CA PHE A 38 -21.97 -7.83 26.63
C PHE A 38 -23.38 -8.18 27.05
N GLN A 39 -23.65 -8.08 28.33
CA GLN A 39 -24.95 -8.44 28.88
C GLN A 39 -25.74 -7.17 29.20
N ALA A 40 -27.00 -7.14 28.76
CA ALA A 40 -27.92 -6.05 29.01
C ALA A 40 -28.61 -6.26 30.37
N PRO A 41 -29.18 -5.19 30.92
CA PRO A 41 -29.85 -5.40 32.18
C PRO A 41 -31.09 -6.25 32.08
N ASP A 42 -31.76 -6.21 30.94
CA ASP A 42 -32.98 -6.99 30.76
C ASP A 42 -33.15 -7.37 29.32
N ALA A 43 -34.20 -8.12 29.02
CA ALA A 43 -34.53 -8.53 27.67
C ALA A 43 -35.21 -7.48 26.84
N THR A 44 -35.62 -6.40 27.48
CA THR A 44 -36.22 -5.28 26.85
C THR A 44 -35.31 -4.68 25.82
N PRO A 45 -35.82 -4.37 24.62
CA PRO A 45 -35.01 -3.74 23.58
C PRO A 45 -34.32 -2.47 23.98
N LEU A 46 -33.12 -2.25 23.45
CA LEU A 46 -32.37 -1.07 23.78
C LEU A 46 -31.78 -0.53 22.50
N THR A 47 -31.38 0.73 22.58
CA THR A 47 -30.80 1.43 21.48
C THR A 47 -29.30 1.52 21.65
N VAL A 48 -28.55 1.24 20.58
CA VAL A 48 -27.12 1.40 20.58
C VAL A 48 -26.84 2.29 19.36
N ARG A 49 -25.82 3.09 19.42
CA ARG A 49 -25.54 4.05 18.37
C ARG A 49 -24.12 3.85 17.85
N LEU A 50 -23.92 3.94 16.55
CA LEU A 50 -22.62 3.68 15.92
C LEU A 50 -21.55 4.68 16.28
N PRO A 51 -20.27 4.32 16.10
CA PRO A 51 -19.28 5.29 16.48
C PRO A 51 -19.30 6.68 15.86
N GLU A 52 -19.14 7.71 16.67
CA GLU A 52 -18.94 9.10 16.24
C GLU A 52 -17.48 9.47 16.47
N ASP A 53 -16.90 10.19 15.52
CA ASP A 53 -15.49 10.53 15.58
C ASP A 53 -15.29 11.75 16.48
N CYS A 54 -14.48 11.61 17.52
CA CYS A 54 -14.06 12.74 18.34
C CYS A 54 -12.97 13.56 17.66
N TYR A 55 -12.39 13.05 16.57
CA TYR A 55 -11.28 13.72 15.90
C TYR A 55 -11.70 14.46 14.63
N GLY A 56 -12.99 14.44 14.29
CA GLY A 56 -13.51 15.38 13.31
C GLY A 56 -14.04 14.83 11.99
N THR A 57 -14.41 13.55 11.95
CA THR A 57 -14.96 12.99 10.73
C THR A 57 -16.47 13.17 10.70
N PRO A 58 -17.01 13.89 9.72
CA PRO A 58 -18.48 14.07 9.66
C PRO A 58 -19.16 12.77 9.24
N ASP A 59 -20.16 12.37 10.04
CA ASP A 59 -20.99 11.20 9.75
C ASP A 59 -20.14 9.94 9.58
N LEU A 60 -19.43 9.59 10.66
CA LEU A 60 -18.63 8.37 10.65
C LEU A 60 -19.49 7.11 10.55
N HIS A 61 -20.75 7.20 10.91
CA HIS A 61 -21.64 6.06 10.82
C HIS A 61 -21.82 5.60 9.40
N GLN A 62 -21.59 6.45 8.43
CA GLN A 62 -21.75 6.07 7.04
C GLN A 62 -20.79 4.97 6.62
N TYR A 63 -19.71 4.75 7.37
CA TYR A 63 -18.72 3.73 7.05
C TYR A 63 -19.02 2.40 7.74
N VAL A 64 -20.16 2.26 8.37
CA VAL A 64 -20.56 1.00 8.97
C VAL A 64 -21.31 0.24 7.88
N ARG A 65 -20.68 -0.76 7.28
CA ARG A 65 -21.26 -1.47 6.15
C ARG A 65 -22.41 -2.39 6.60
N SER A 66 -22.16 -3.22 7.61
CA SER A 66 -23.16 -4.13 8.12
C SER A 66 -23.30 -3.96 9.63
N PHE A 67 -24.44 -4.42 10.15
CA PHE A 67 -24.70 -4.39 11.59
C PHE A 67 -25.79 -5.42 11.86
N GLN A 68 -25.41 -6.59 12.36
CA GLN A 68 -26.33 -7.70 12.59
C GLN A 68 -26.16 -8.25 13.95
N GLY A 69 -27.13 -8.99 14.54
CA GLY A 69 -27.00 -9.73 15.77
C GLY A 69 -26.27 -11.05 15.58
N MET A 70 -25.90 -11.75 16.62
CA MET A 70 -25.22 -12.97 16.49
C MET A 70 -25.82 -13.92 17.51
N ASP A 71 -25.91 -15.19 17.20
CA ASP A 71 -26.34 -16.31 18.05
C ASP A 71 -27.74 -16.07 18.62
N GLY A 72 -28.65 -15.61 17.76
CA GLY A 72 -30.04 -15.43 18.13
C GLY A 72 -30.44 -14.00 18.46
N VAL A 73 -29.51 -13.12 18.72
CA VAL A 73 -29.83 -11.75 19.04
C VAL A 73 -30.31 -11.07 17.79
N LYS A 74 -31.38 -10.27 17.84
CA LYS A 74 -31.90 -9.61 16.69
C LYS A 74 -31.68 -8.12 16.76
N VAL A 75 -31.47 -7.53 15.63
CA VAL A 75 -31.29 -6.09 15.50
C VAL A 75 -32.32 -5.58 14.50
N SER A 76 -32.71 -4.31 14.67
CA SER A 76 -33.64 -3.65 13.77
C SER A 76 -33.21 -2.21 13.61
N ALA A 77 -33.92 -1.48 12.77
CA ALA A 77 -33.61 -0.07 12.55
C ALA A 77 -34.02 0.76 13.77
N GLY A 78 -33.44 1.92 13.91
CA GLY A 78 -33.87 2.77 14.98
C GLY A 78 -34.25 4.10 14.40
N GLY A 79 -34.36 5.07 15.26
CA GLY A 79 -34.69 6.44 14.94
C GLY A 79 -34.04 7.00 13.73
N ASP A 80 -32.75 7.25 13.83
CA ASP A 80 -31.95 7.79 12.76
C ASP A 80 -31.00 6.72 12.24
N ALA A 81 -30.05 7.08 11.37
CA ALA A 81 -29.06 6.18 10.84
C ALA A 81 -27.97 5.87 11.81
N ARG A 82 -27.82 6.67 12.84
CA ARG A 82 -26.83 6.41 13.81
C ARG A 82 -27.30 5.40 14.80
N GLU A 83 -28.60 5.13 14.93
CA GLU A 83 -29.07 4.14 15.89
C GLU A 83 -29.46 2.78 15.41
N ARG A 84 -29.50 1.82 16.33
CA ARG A 84 -29.91 0.50 16.00
C ARG A 84 -30.73 -0.04 17.18
N LYS A 85 -31.76 -0.80 16.91
CA LYS A 85 -32.58 -1.40 17.97
C LYS A 85 -32.13 -2.83 18.18
N VAL A 86 -31.55 -3.12 19.33
CA VAL A 86 -31.03 -4.40 19.61
C VAL A 86 -31.99 -5.15 20.52
N PHE A 87 -32.31 -6.37 20.15
CA PHE A 87 -33.21 -7.27 20.82
C PHE A 87 -32.35 -8.24 21.60
N PRO A 88 -32.17 -8.04 22.99
CA PRO A 88 -31.32 -8.98 23.73
C PRO A 88 -31.99 -10.34 23.88
N ARG A 89 -31.23 -11.28 24.43
CA ARG A 89 -31.74 -12.61 24.76
C ARG A 89 -32.57 -12.54 26.03
N PRO A 90 -33.34 -13.59 26.33
CA PRO A 90 -34.05 -13.63 27.62
C PRO A 90 -33.14 -13.38 28.83
N ASP A 91 -31.93 -13.94 28.82
CA ASP A 91 -30.99 -13.71 29.91
C ASP A 91 -30.36 -12.33 29.88
N GLY A 92 -30.41 -11.65 28.73
CA GLY A 92 -29.80 -10.34 28.58
C GLY A 92 -28.57 -10.31 27.70
N ARG A 93 -28.15 -11.43 27.17
CA ARG A 93 -26.99 -11.47 26.33
C ARG A 93 -27.16 -10.66 25.03
N VAL A 94 -26.22 -9.78 24.75
CA VAL A 94 -26.19 -8.97 23.53
C VAL A 94 -24.95 -9.35 22.75
N SER A 95 -25.05 -9.62 21.49
CA SER A 95 -24.01 -10.16 20.70
C SER A 95 -24.25 -9.52 19.38
N LEU A 96 -23.36 -8.67 18.96
CA LEU A 96 -23.44 -7.89 17.73
C LEU A 96 -22.15 -8.04 16.94
N ARG A 97 -22.27 -7.89 15.62
CA ARG A 97 -21.13 -7.88 14.71
C ARG A 97 -21.37 -6.83 13.65
N TYR A 98 -20.42 -5.91 13.52
CA TYR A 98 -20.52 -4.84 12.54
C TYR A 98 -19.17 -4.67 11.85
N VAL A 99 -19.23 -4.32 10.56
CA VAL A 99 -18.04 -4.19 9.73
C VAL A 99 -17.85 -2.71 9.41
N LEU A 100 -16.67 -2.19 9.76
CA LEU A 100 -16.27 -0.82 9.41
C LEU A 100 -15.41 -0.87 8.16
N SER A 101 -15.86 -0.20 7.11
CA SER A 101 -15.12 -0.13 5.84
C SER A 101 -14.90 1.36 5.53
N PHE A 102 -13.75 1.88 5.91
CA PHE A 102 -13.44 3.26 5.79
C PHE A 102 -12.91 3.64 4.40
N ASP A 103 -13.44 4.67 3.76
CA ASP A 103 -13.00 5.14 2.45
C ASP A 103 -11.64 5.83 2.59
N PRO A 104 -10.59 5.32 1.95
CA PRO A 104 -9.28 5.99 2.05
C PRO A 104 -9.22 7.30 1.29
N ARG A 105 -10.07 7.56 0.34
CA ARG A 105 -10.03 8.78 -0.41
C ARG A 105 -10.54 10.01 0.32
N GLY A 106 -11.74 9.92 0.84
CA GLY A 106 -12.35 10.95 1.60
C GLY A 106 -11.69 11.13 2.92
N LEU A 107 -11.18 10.06 3.50
CA LEU A 107 -10.47 10.17 4.75
C LEU A 107 -9.08 10.76 4.73
N ASP A 108 -8.54 11.05 3.57
CA ASP A 108 -7.33 11.76 3.37
C ASP A 108 -7.48 13.25 3.68
N GLY A 109 -8.70 13.76 3.64
CA GLY A 109 -9.02 15.12 3.95
C GLY A 109 -9.32 15.37 5.40
N VAL A 110 -9.50 14.34 6.18
CA VAL A 110 -9.73 14.49 7.61
C VAL A 110 -8.40 14.24 8.31
N SER A 111 -7.82 15.31 8.85
CA SER A 111 -6.43 15.25 9.32
C SER A 111 -6.22 14.19 10.39
N PHE A 112 -7.24 13.91 11.20
CA PHE A 112 -7.11 12.90 12.25
C PHE A 112 -8.21 11.85 12.18
N GLY A 113 -8.80 11.64 11.00
CA GLY A 113 -9.79 10.62 10.83
C GLY A 113 -9.16 9.24 10.75
N PRO A 114 -10.00 8.23 10.56
CA PRO A 114 -9.48 6.86 10.40
C PRO A 114 -8.53 6.78 9.22
N ASN A 115 -7.42 6.08 9.41
CA ASN A 115 -6.37 5.94 8.40
C ASN A 115 -6.24 4.46 8.06
N VAL A 116 -6.77 4.06 6.91
CA VAL A 116 -6.70 2.73 6.44
C VAL A 116 -6.21 2.67 5.05
N GLY A 117 -5.89 1.49 4.62
CA GLY A 117 -5.48 1.27 3.28
C GLY A 117 -5.07 -0.15 3.04
N PRO A 118 -4.63 -0.52 1.84
CA PRO A 118 -4.42 -1.94 1.54
C PRO A 118 -3.58 -2.86 2.43
N GLY A 119 -2.67 -2.29 3.17
CA GLY A 119 -1.85 -3.05 4.03
C GLY A 119 -1.74 -2.58 5.45
N HIS A 120 -2.63 -1.78 5.99
CA HIS A 120 -2.53 -1.20 7.32
C HIS A 120 -3.89 -0.68 7.75
N PHE A 121 -3.97 -0.30 9.02
CA PHE A 121 -5.16 0.35 9.57
C PHE A 121 -4.78 1.04 10.87
N HIS A 122 -5.49 2.13 11.15
CA HIS A 122 -5.37 2.82 12.43
C HIS A 122 -6.72 3.43 12.77
N VAL A 123 -7.20 3.20 13.99
CA VAL A 123 -8.41 3.75 14.43
C VAL A 123 -8.21 4.27 15.82
N ALA A 124 -8.83 5.37 16.13
CA ALA A 124 -8.87 5.89 17.45
C ALA A 124 -10.05 5.21 18.12
N GLY A 125 -10.06 5.23 19.43
CA GLY A 125 -11.11 4.61 20.20
C GLY A 125 -12.51 4.95 19.84
N CYS A 126 -12.75 6.22 19.57
CA CYS A 126 -14.03 6.70 19.20
C CYS A 126 -14.41 6.32 17.81
N GLN A 127 -13.45 6.05 16.98
CA GLN A 127 -13.65 5.64 15.64
C GLN A 127 -14.07 4.20 15.35
N TRP A 128 -14.04 3.34 16.34
CA TRP A 128 -14.41 1.97 16.18
C TRP A 128 -15.29 1.45 17.29
N LEU A 129 -15.20 1.99 18.48
CA LEU A 129 -16.00 1.51 19.57
C LEU A 129 -17.44 1.94 19.50
N LEU A 130 -18.33 1.17 20.11
CA LEU A 130 -19.73 1.53 20.09
C LEU A 130 -20.10 2.38 21.27
N ARG A 131 -21.14 3.16 21.11
CA ARG A 131 -21.61 4.05 22.16
C ARG A 131 -22.74 3.34 22.90
N LEU A 132 -22.42 2.80 24.08
CA LEU A 132 -23.36 2.03 24.88
C LEU A 132 -23.52 2.70 26.23
N GLY A 133 -24.73 3.21 26.50
CA GLY A 133 -25.02 3.77 27.81
C GLY A 133 -24.22 5.03 28.09
N ASP A 134 -23.95 5.25 29.38
CA ASP A 134 -23.26 6.45 29.83
C ASP A 134 -21.82 6.46 29.33
N ALA A 135 -21.39 7.60 28.78
CA ALA A 135 -20.03 7.72 28.28
C ALA A 135 -19.02 7.82 29.42
N GLU A 136 -19.45 8.18 30.62
CA GLU A 136 -18.56 8.31 31.77
C GLU A 136 -18.69 7.14 32.74
N ALA A 137 -19.49 6.13 32.41
CA ALA A 137 -19.60 4.93 33.22
C ALA A 137 -18.43 4.00 32.96
N ARG A 138 -17.82 3.53 34.04
CA ARG A 138 -16.61 2.69 33.90
C ARG A 138 -16.99 1.24 33.64
N ARG A 139 -16.33 0.56 32.73
CA ARG A 139 -16.59 -0.83 32.48
C ARG A 139 -15.27 -1.57 32.35
N ARG A 140 -15.31 -2.86 32.14
CA ARG A 140 -14.08 -3.60 31.98
C ARG A 140 -14.04 -3.98 30.52
N TYR A 141 -13.17 -3.37 29.75
CA TYR A 141 -13.07 -3.59 28.34
C TYR A 141 -11.97 -4.59 27.97
N VAL A 142 -12.35 -5.71 27.41
CA VAL A 142 -11.39 -6.70 26.98
C VAL A 142 -11.43 -6.69 25.48
N ILE A 143 -10.35 -6.28 24.85
CA ILE A 143 -10.27 -6.16 23.41
C ILE A 143 -9.21 -7.00 22.76
N GLN A 144 -9.63 -7.88 21.86
CA GLN A 144 -8.71 -8.76 21.16
C GLN A 144 -8.74 -8.61 19.64
N VAL A 145 -7.58 -8.82 19.03
CA VAL A 145 -7.43 -8.74 17.60
C VAL A 145 -7.26 -10.19 17.20
N GLU A 146 -8.16 -10.69 16.37
CA GLU A 146 -8.15 -12.05 15.95
C GLU A 146 -8.00 -12.19 14.47
N ASP A 147 -7.50 -13.33 14.04
CA ASP A 147 -7.24 -13.64 12.64
C ASP A 147 -6.63 -12.51 11.87
N ALA A 148 -5.55 -11.99 12.40
CA ALA A 148 -4.84 -10.93 11.80
C ALA A 148 -4.05 -11.46 10.65
N PRO A 149 -3.74 -10.60 9.68
CA PRO A 149 -3.07 -11.21 8.54
C PRO A 149 -1.62 -11.56 8.78
N ALA A 150 -1.13 -12.53 8.03
CA ALA A 150 0.21 -13.05 8.24
C ALA A 150 1.25 -11.96 7.99
N GLY A 151 2.22 -11.87 8.89
CA GLY A 151 3.29 -10.91 8.76
C GLY A 151 2.95 -9.50 9.19
N TRP A 152 1.74 -9.25 9.68
CA TRP A 152 1.36 -7.94 10.15
C TRP A 152 1.79 -7.74 11.60
N LYS A 153 2.07 -6.52 11.94
CA LYS A 153 2.47 -6.26 13.24
C LYS A 153 1.38 -5.31 13.77
N LEU A 154 0.90 -5.53 14.97
CA LEU A 154 -0.16 -4.73 15.57
C LEU A 154 0.22 -3.98 16.81
N TYR A 155 -0.55 -2.96 17.15
CA TYR A 155 -0.27 -2.17 18.32
C TYR A 155 -1.51 -1.65 18.95
N SER A 156 -1.44 -1.38 20.23
CA SER A 156 -2.53 -0.85 20.96
C SER A 156 -1.97 0.03 22.03
N SER A 157 -2.71 1.04 22.41
CA SER A 157 -2.31 1.93 23.50
C SER A 157 -2.80 1.46 24.86
N LEU A 158 -3.61 0.41 24.92
CA LEU A 158 -4.14 -0.11 26.17
C LEU A 158 -3.35 -1.29 26.71
N GLY A 159 -2.32 -1.73 26.00
CA GLY A 159 -1.51 -2.85 26.44
C GLY A 159 -0.36 -3.16 25.51
N GLY A 160 0.72 -3.73 26.04
CA GLY A 160 1.87 -4.04 25.23
C GLY A 160 1.68 -5.17 24.24
N ASP A 161 0.59 -5.92 24.37
CA ASP A 161 0.29 -7.05 23.48
C ASP A 161 -1.08 -6.78 22.85
N ALA A 162 -1.11 -6.33 21.61
CA ALA A 162 -2.35 -6.02 20.97
C ALA A 162 -3.27 -7.17 20.77
N LEU A 163 -2.78 -8.39 20.90
CA LEU A 163 -3.66 -9.54 20.75
C LEU A 163 -4.73 -9.59 21.83
N ARG A 164 -4.47 -9.01 22.99
CA ARG A 164 -5.47 -8.96 24.06
C ARG A 164 -5.06 -7.91 25.08
N THR A 165 -5.90 -6.90 25.30
CA THR A 165 -5.67 -5.88 26.29
C THR A 165 -6.85 -5.86 27.22
N GLU A 166 -6.62 -5.34 28.39
CA GLU A 166 -7.66 -5.33 29.35
C GLU A 166 -7.67 -4.07 30.10
N THR A 167 -8.70 -3.27 29.98
CA THR A 167 -8.74 -1.99 30.59
C THR A 167 -10.00 -1.72 31.36
N THR A 168 -9.90 -1.16 32.56
CA THR A 168 -11.07 -0.80 33.30
C THR A 168 -11.11 0.71 33.20
N ALA A 169 -11.92 1.25 32.31
CA ALA A 169 -12.02 2.68 32.09
C ALA A 169 -13.42 2.99 31.57
N SER A 170 -13.68 4.28 31.34
CA SER A 170 -14.93 4.75 30.78
C SER A 170 -14.79 4.93 29.27
N TYR A 171 -15.91 5.02 28.58
CA TYR A 171 -15.88 5.22 27.17
C TYR A 171 -15.17 6.51 26.84
N GLU A 172 -15.37 7.56 27.62
CA GLU A 172 -14.70 8.83 27.36
C GLU A 172 -13.19 8.68 27.45
N ASP A 173 -12.71 7.88 28.41
CA ASP A 173 -11.27 7.65 28.52
C ASP A 173 -10.74 6.89 27.31
N LEU A 174 -11.57 6.03 26.77
CA LEU A 174 -11.23 5.22 25.66
C LEU A 174 -11.46 5.84 24.33
N THR A 175 -11.92 7.06 24.22
CA THR A 175 -12.11 7.70 22.95
C THR A 175 -10.80 8.09 22.33
N SER A 176 -9.81 8.36 23.16
CA SER A 176 -8.48 8.71 22.70
C SER A 176 -7.49 7.57 22.70
N SER A 177 -7.95 6.35 22.86
CA SER A 177 -7.11 5.17 22.74
C SER A 177 -6.86 4.86 21.27
N ALA A 178 -5.89 3.98 21.01
CA ALA A 178 -5.46 3.70 19.65
C ALA A 178 -5.31 2.20 19.44
N LEU A 179 -5.73 1.74 18.26
CA LEU A 179 -5.55 0.37 17.83
C LEU A 179 -5.17 0.39 16.35
N GLY A 180 -4.14 -0.37 15.99
CA GLY A 180 -3.70 -0.35 14.60
C GLY A 180 -2.72 -1.45 14.31
N GLY A 181 -2.33 -1.52 13.04
CA GLY A 181 -1.37 -2.50 12.56
C GLY A 181 -1.00 -2.19 11.14
N GLY A 182 -0.04 -2.95 10.60
CA GLY A 182 0.42 -2.85 9.27
C GLY A 182 1.45 -3.80 8.80
N SER A 183 1.76 -3.68 7.53
CA SER A 183 2.70 -4.52 6.87
C SER A 183 3.69 -3.82 6.00
N GLY A 184 3.91 -2.54 6.22
CA GLY A 184 4.82 -1.78 5.41
C GLY A 184 6.06 -1.31 6.08
N GLY A 185 6.33 -1.84 7.26
CA GLY A 185 7.50 -1.40 7.97
C GLY A 185 7.40 -1.52 9.48
N PHE A 186 8.34 -2.19 10.11
CA PHE A 186 8.30 -2.37 11.52
C PHE A 186 9.70 -2.39 12.06
N HIS A 187 9.95 -1.79 13.21
CA HIS A 187 11.22 -1.87 13.81
C HIS A 187 11.03 -1.87 15.30
N ARG A 188 11.69 -2.75 16.01
CA ARG A 188 11.56 -2.75 17.44
C ARG A 188 12.95 -2.62 18.03
N PHE A 189 13.07 -1.93 19.15
CA PHE A 189 14.32 -1.79 19.88
C PHE A 189 14.00 -1.59 21.35
N GLU A 190 15.03 -1.70 22.18
CA GLU A 190 14.89 -1.59 23.62
C GLU A 190 15.72 -0.42 24.14
N VAL A 191 15.13 0.35 25.04
CA VAL A 191 15.82 1.47 25.70
C VAL A 191 15.74 1.27 27.21
N ARG A 192 16.89 0.97 27.82
CA ARG A 192 16.98 0.72 29.26
C ARG A 192 15.99 -0.36 29.70
N GLY A 193 15.90 -1.43 28.90
CA GLY A 193 15.04 -2.55 29.20
C GLY A 193 13.58 -2.42 28.85
N LYS A 194 13.14 -1.27 28.33
CA LYS A 194 11.75 -1.07 27.96
C LYS A 194 11.59 -1.14 26.44
N SER A 195 10.41 -1.56 26.00
CA SER A 195 10.17 -1.85 24.60
C SER A 195 9.62 -0.62 23.87
N VAL A 196 10.11 -0.43 22.64
CA VAL A 196 9.61 0.62 21.74
C VAL A 196 9.39 -0.02 20.37
N SER A 197 8.25 0.23 19.75
CA SER A 197 7.97 -0.31 18.44
C SER A 197 7.63 0.82 17.49
N LEU A 198 8.12 0.74 16.27
CA LEU A 198 7.94 1.74 15.29
C LEU A 198 7.19 1.13 14.09
N PHE A 199 6.14 1.80 13.62
CA PHE A 199 5.37 1.34 12.48
C PHE A 199 5.25 2.41 11.41
N VAL A 200 5.50 2.07 10.15
CA VAL A 200 5.42 2.98 9.02
C VAL A 200 4.59 2.33 7.92
N ASP A 201 3.57 3.05 7.44
CA ASP A 201 2.76 2.59 6.33
C ASP A 201 2.38 3.78 5.47
N GLY A 202 2.16 3.51 4.18
CA GLY A 202 1.88 4.55 3.21
C GLY A 202 3.13 4.94 2.43
N ALA A 203 2.91 5.79 1.43
CA ALA A 203 4.00 6.24 0.57
C ALA A 203 4.75 7.39 1.23
N PHE A 204 6.07 7.27 1.31
CA PHE A 204 6.91 8.28 1.93
C PHE A 204 8.23 8.38 1.18
N ASP A 205 8.67 9.60 0.90
CA ASP A 205 9.92 9.80 0.18
C ASP A 205 11.12 9.33 1.00
N VAL A 206 11.08 9.52 2.31
CA VAL A 206 12.18 9.10 3.18
C VAL A 206 12.12 7.58 3.34
N PRO A 207 13.20 6.86 3.06
CA PRO A 207 13.17 5.41 3.18
C PRO A 207 12.90 4.96 4.61
N ARG A 208 12.41 3.76 4.78
CA ARG A 208 12.07 3.28 6.07
C ARG A 208 13.27 3.21 6.96
N GLN A 209 14.41 2.84 6.46
CA GLN A 209 15.62 2.75 7.33
C GLN A 209 15.91 4.11 7.93
N GLN A 210 15.87 5.17 7.16
CA GLN A 210 16.14 6.48 7.66
C GLN A 210 15.15 6.92 8.68
N LEU A 211 13.89 6.57 8.49
CA LEU A 211 12.88 6.90 9.48
C LEU A 211 13.09 6.13 10.77
N PHE A 212 13.43 4.85 10.68
CA PHE A 212 13.61 4.04 11.87
C PHE A 212 14.85 4.47 12.65
N THR A 213 15.96 4.72 11.95
CA THR A 213 17.18 5.13 12.63
C THR A 213 16.99 6.46 13.35
N ALA A 214 16.35 7.42 12.69
CA ALA A 214 16.11 8.72 13.31
C ALA A 214 15.19 8.58 14.52
N LEU A 215 14.09 7.84 14.37
CA LEU A 215 13.16 7.67 15.49
C LEU A 215 13.81 6.97 16.67
N GLU A 216 14.65 5.97 16.40
CA GLU A 216 15.35 5.30 17.49
C GLU A 216 16.35 6.23 18.16
N ARG A 217 17.00 7.10 17.39
CA ARG A 217 17.94 8.05 17.97
C ARG A 217 17.22 9.10 18.81
N ILE A 218 16.15 9.63 18.29
CA ILE A 218 15.42 10.65 18.98
C ILE A 218 14.78 10.08 20.19
N ILE A 219 14.20 8.90 20.10
CA ILE A 219 13.53 8.37 21.26
C ILE A 219 14.49 8.03 22.35
N THR A 220 15.65 7.54 22.02
CA THR A 220 16.66 7.19 23.00
C THR A 220 17.26 8.39 23.68
N SER A 221 17.43 9.46 22.94
CA SER A 221 17.97 10.69 23.44
C SER A 221 17.04 11.29 24.45
N GLN A 222 15.75 11.20 24.21
CA GLN A 222 14.79 11.75 25.12
C GLN A 222 14.66 10.98 26.39
N ARG A 223 14.99 9.70 26.37
CA ARG A 223 14.90 8.89 27.54
C ARG A 223 16.14 9.00 28.40
N GLU A 224 17.27 9.26 27.80
CA GLU A 224 18.47 9.45 28.56
C GLU A 224 18.48 10.85 29.13
N TRP A 225 17.87 11.81 28.45
CA TRP A 225 17.86 13.21 28.90
C TRP A 225 17.33 13.30 30.34
N PHE A 226 16.24 12.61 30.62
CA PHE A 226 15.64 12.61 31.94
C PHE A 226 16.02 11.34 32.69
N GLN A 227 16.54 10.33 31.98
CA GLN A 227 17.10 9.12 32.59
C GLN A 227 16.11 8.47 33.55
N GLU A 228 14.85 8.53 33.21
CA GLU A 228 13.85 7.88 34.01
C GLU A 228 13.35 6.66 33.25
N ASP A 229 12.78 5.73 33.95
CA ASP A 229 12.25 4.51 33.33
C ASP A 229 11.02 4.87 32.51
N GLY A 230 11.13 4.75 31.19
CA GLY A 230 10.02 5.03 30.32
C GLY A 230 8.92 3.99 30.47
N PRO A 231 7.85 4.16 29.69
CA PRO A 231 6.75 3.19 29.74
C PRO A 231 7.22 1.80 29.33
N ASP A 232 6.51 0.79 29.82
CA ASP A 232 6.87 -0.59 29.52
C ASP A 232 6.71 -0.90 28.03
N TYR A 233 5.82 -0.18 27.35
CA TYR A 233 5.62 -0.33 25.92
C TYR A 233 5.29 1.03 25.32
N PHE A 234 5.76 1.25 24.10
CA PHE A 234 5.54 2.52 23.42
C PHE A 234 5.57 2.30 21.91
N HIS A 235 4.63 2.91 21.20
CA HIS A 235 4.50 2.77 19.77
C HIS A 235 4.62 4.12 19.08
N VAL A 236 5.14 4.13 17.87
CA VAL A 236 5.22 5.30 17.08
C VAL A 236 4.68 4.87 15.72
N ALA A 237 3.53 5.36 15.31
CA ALA A 237 2.85 4.98 14.07
C ALA A 237 2.91 6.14 13.09
N LEU A 238 3.64 5.95 12.00
CA LEU A 238 3.65 6.90 10.89
C LEU A 238 2.61 6.46 9.87
N ARG A 239 1.68 7.34 9.55
CA ARG A 239 0.57 7.02 8.66
C ARG A 239 0.39 8.14 7.65
N PRO A 240 -0.08 7.83 6.44
CA PRO A 240 -0.09 8.83 5.36
C PRO A 240 -1.31 9.73 5.36
N ARG A 241 -1.09 10.98 4.99
CA ARG A 241 -2.15 11.95 4.77
C ARG A 241 -1.61 13.18 4.05
N SER A 242 -2.26 13.60 2.97
CA SER A 242 -1.77 14.70 2.16
C SER A 242 -1.86 16.02 2.91
N GLY A 243 -1.04 16.95 2.47
CA GLY A 243 -1.00 18.30 2.96
C GLY A 243 -0.80 18.64 4.38
N ILE A 244 -0.60 17.68 5.23
CA ILE A 244 -0.38 17.95 6.65
C ILE A 244 0.86 17.21 7.13
N ILE A 245 1.42 17.72 8.23
CA ILE A 245 2.41 17.01 9.02
C ILE A 245 2.03 17.20 10.48
N ALA A 246 1.25 16.26 11.02
CA ALA A 246 0.66 16.41 12.34
C ALA A 246 0.95 15.16 13.18
N GLY A 247 0.72 15.29 14.47
CA GLY A 247 0.90 14.19 15.39
C GLY A 247 0.01 14.36 16.60
N VAL A 248 -0.46 13.24 17.13
CA VAL A 248 -1.26 13.21 18.35
C VAL A 248 -0.51 12.39 19.38
N ALA A 249 -0.19 13.01 20.50
CA ALA A 249 0.55 12.34 21.58
C ALA A 249 -0.44 11.70 22.55
N LEU A 250 -0.20 10.43 22.87
CA LEU A 250 -1.00 9.71 23.85
C LEU A 250 -0.07 9.02 24.84
N ASP A 251 -0.64 8.55 25.94
CA ASP A 251 0.20 7.76 26.86
C ASP A 251 0.41 6.43 26.15
N HIS A 252 1.66 5.99 25.99
CA HIS A 252 1.99 4.68 25.36
C HIS A 252 1.99 4.71 23.81
N ALA A 253 1.85 5.87 23.19
CA ALA A 253 1.80 5.91 21.72
C ALA A 253 1.83 7.32 21.15
N PHE A 254 2.51 7.49 20.03
CA PHE A 254 2.58 8.73 19.34
C PHE A 254 2.22 8.49 17.89
N ILE A 255 1.06 8.93 17.43
CA ILE A 255 0.62 8.71 16.06
C ILE A 255 0.96 9.96 15.26
N CYS A 256 1.46 9.77 14.03
CA CYS A 256 1.88 10.87 13.18
C CYS A 256 1.29 10.68 11.79
N PHE A 257 0.45 11.61 11.38
CA PHE A 257 -0.11 11.64 10.03
C PHE A 257 0.62 12.71 9.22
N ALA A 258 1.34 12.29 8.20
CA ALA A 258 2.21 13.18 7.44
C ALA A 258 2.10 12.90 5.96
N LYS A 259 2.50 13.88 5.16
CA LYS A 259 2.44 13.79 3.71
C LYS A 259 3.64 13.03 3.16
N ARG A 260 3.48 12.52 1.93
CA ARG A 260 4.53 11.72 1.31
C ARG A 260 5.79 12.54 1.07
N GLU A 261 5.65 13.82 0.76
CA GLU A 261 6.78 14.68 0.41
C GLU A 261 7.49 15.25 1.63
N SER A 262 7.24 14.73 2.82
CA SER A 262 7.83 15.29 4.04
C SER A 262 9.35 15.13 4.03
N ARG A 263 10.04 16.23 4.31
CA ARG A 263 11.50 16.21 4.41
C ARG A 263 11.92 15.61 5.76
N PRO A 264 13.12 15.04 5.83
CA PRO A 264 13.55 14.41 7.10
C PRO A 264 13.56 15.37 8.27
N THR A 265 14.12 16.57 8.10
CA THR A 265 14.19 17.52 9.21
C THR A 265 12.80 17.95 9.66
N GLU A 266 11.86 18.07 8.72
CA GLU A 266 10.48 18.39 9.09
C GLU A 266 9.90 17.36 10.05
N LEU A 267 10.14 16.08 9.78
CA LEU A 267 9.66 15.04 10.67
C LEU A 267 10.47 14.98 11.95
N HIS A 268 11.80 15.13 11.84
CA HIS A 268 12.65 15.06 13.03
C HIS A 268 12.26 16.13 14.04
N LEU A 269 11.92 17.33 13.57
CA LEU A 269 11.48 18.38 14.48
C LEU A 269 10.12 18.04 15.08
N LEU A 270 9.23 17.47 14.28
CA LEU A 270 7.91 17.09 14.79
C LEU A 270 8.04 15.99 15.84
N PHE A 271 8.93 15.03 15.62
CA PHE A 271 9.10 13.93 16.57
C PHE A 271 9.70 14.43 17.88
N ALA A 272 10.80 15.12 17.78
CA ALA A 272 11.48 15.59 18.93
C ALA A 272 10.71 16.56 19.76
N HIS A 273 9.93 17.40 19.14
CA HIS A 273 9.12 18.40 19.85
C HIS A 273 7.92 17.75 20.52
N GLU A 274 7.09 17.06 19.75
CA GLU A 274 5.83 16.55 20.27
C GLU A 274 6.05 15.48 21.34
N MET A 275 7.03 14.63 21.15
CA MET A 275 7.26 13.59 22.11
C MET A 275 8.01 14.14 23.35
N PHE A 276 8.52 15.33 23.31
CA PHE A 276 9.13 15.86 24.51
C PHE A 276 8.01 16.34 25.46
N HIS A 277 6.84 16.68 24.95
CA HIS A 277 5.77 17.15 25.81
C HIS A 277 5.33 16.11 26.83
N ALA A 278 5.73 14.84 26.66
CA ALA A 278 5.51 13.86 27.70
C ALA A 278 6.24 14.25 28.98
N TRP A 279 7.40 14.86 28.81
CA TRP A 279 8.24 15.33 29.92
C TRP A 279 8.02 16.81 30.20
N LEU A 280 8.13 17.69 29.23
CA LEU A 280 7.93 19.10 29.51
C LEU A 280 6.70 19.68 28.76
N PRO A 281 5.58 19.99 29.42
CA PRO A 281 5.19 20.15 30.81
C PRO A 281 4.52 18.96 31.41
N GLY A 282 4.52 17.83 30.74
CA GLY A 282 3.90 16.64 31.29
C GLY A 282 4.32 16.23 32.68
N LYS A 283 5.59 16.34 32.98
CA LYS A 283 6.10 16.05 34.30
C LYS A 283 6.92 17.21 34.85
N LEU A 284 6.73 18.42 34.34
CA LEU A 284 7.48 19.58 34.79
C LEU A 284 6.71 20.81 34.34
N ARG A 285 5.64 21.12 35.05
CA ARG A 285 4.82 22.25 34.69
C ARG A 285 5.04 23.38 35.65
N ILE A 286 5.24 24.60 35.19
CA ILE A 286 5.36 25.68 36.12
C ILE A 286 3.94 26.10 36.47
N GLU A 287 3.59 26.07 37.74
CA GLU A 287 2.24 26.43 38.14
C GLU A 287 2.09 27.94 38.19
N PRO A 288 1.09 28.52 37.52
CA PRO A 288 0.88 29.96 37.59
C PRO A 288 0.25 30.36 38.90
N PRO A 289 0.36 31.63 39.29
CA PRO A 289 -0.35 32.09 40.49
C PRO A 289 -1.86 31.94 40.37
N LYS A 290 -2.53 32.09 41.51
CA LYS A 290 -3.98 31.88 41.56
C LYS A 290 -4.70 32.82 40.60
N GLY A 291 -5.61 32.28 39.81
CA GLY A 291 -6.38 33.05 38.86
C GLY A 291 -5.74 33.31 37.52
N GLU A 292 -4.48 33.05 37.41
CA GLU A 292 -3.84 33.33 36.20
C GLU A 292 -4.05 32.27 35.15
N PRO A 293 -4.11 32.65 33.87
CA PRO A 293 -4.33 31.61 32.90
C PRO A 293 -3.20 30.64 32.74
N GLU A 294 -3.46 29.50 32.15
CA GLU A 294 -2.39 28.51 31.99
C GLU A 294 -1.40 28.91 30.91
N LEU A 295 -1.75 29.88 30.09
CA LEU A 295 -0.86 30.38 29.07
C LEU A 295 0.32 31.21 29.50
N ARG A 296 0.39 31.60 30.76
CA ARG A 296 1.48 32.34 31.28
C ARG A 296 2.83 31.90 31.09
N HIS A 297 2.97 30.62 31.08
CA HIS A 297 4.29 30.03 30.90
C HIS A 297 4.42 29.28 29.59
N GLU A 298 3.67 29.72 28.58
CA GLU A 298 3.70 29.09 27.27
C GLU A 298 5.07 29.25 26.63
N TRP A 299 5.86 30.18 27.17
CA TRP A 299 7.20 30.44 26.68
C TRP A 299 8.17 29.38 27.18
N PHE A 300 7.82 28.76 28.31
CA PHE A 300 8.64 27.72 28.89
C PHE A 300 8.14 26.33 28.49
N SER A 301 6.83 26.17 28.44
CA SER A 301 6.25 24.89 28.06
C SER A 301 6.18 24.63 26.56
N GLU A 302 6.32 25.60 25.74
CA GLU A 302 6.40 25.51 24.28
C GLU A 302 7.73 26.00 23.73
N GLY A 303 8.18 27.18 24.17
CA GLY A 303 9.39 27.76 23.60
C GLY A 303 10.64 26.98 23.98
N PHE A 304 10.79 26.64 25.24
CA PHE A 304 11.96 25.89 25.67
C PHE A 304 11.92 24.48 25.14
N THR A 305 10.74 23.92 24.97
CA THR A 305 10.64 22.58 24.38
C THR A 305 11.18 22.58 22.95
N GLU A 306 10.88 23.64 22.19
CA GLU A 306 11.42 23.74 20.84
C GLU A 306 12.94 23.86 20.86
N TYR A 307 13.48 24.59 21.84
CA TYR A 307 14.93 24.71 21.96
C TYR A 307 15.57 23.36 22.25
N PHE A 308 15.06 22.64 23.25
CA PHE A 308 15.63 21.34 23.60
C PHE A 308 15.42 20.33 22.48
N ALA A 309 14.33 20.47 21.70
CA ALA A 309 14.15 19.60 20.55
C ALA A 309 15.23 19.82 19.50
N ARG A 310 15.65 21.07 19.32
CA ARG A 310 16.71 21.35 18.36
C ARG A 310 18.07 20.90 18.89
N ARG A 311 18.32 21.10 20.19
CA ARG A 311 19.56 20.60 20.78
C ARG A 311 19.61 19.08 20.73
N LEU A 312 18.46 18.45 20.83
CA LEU A 312 18.39 17.01 20.75
C LEU A 312 18.75 16.50 19.41
N LEU A 313 18.27 17.17 18.39
CA LEU A 313 18.54 16.75 17.01
C LEU A 313 20.01 16.95 16.65
N VAL A 314 20.61 18.06 17.10
CA VAL A 314 22.02 18.30 16.81
C VAL A 314 22.90 17.29 17.52
N ASP A 315 22.53 16.95 18.77
CA ASP A 315 23.33 15.99 19.54
C ASP A 315 23.27 14.61 18.91
N ALA A 316 22.14 14.22 18.35
CA ALA A 316 21.99 12.94 17.67
C ALA A 316 22.50 12.98 16.22
N ARG A 317 23.19 14.05 15.84
CA ARG A 317 23.76 14.22 14.50
C ARG A 317 22.71 14.12 13.39
N LEU A 318 21.45 14.38 13.72
CA LEU A 318 20.39 14.45 12.72
C LEU A 318 20.21 15.84 12.14
N LEU A 319 20.90 16.84 12.69
CA LEU A 319 20.75 18.22 12.26
C LEU A 319 22.11 18.92 12.35
N PRO A 320 22.57 19.49 11.24
CA PRO A 320 23.85 20.15 11.39
C PRO A 320 23.75 21.47 12.12
N GLU A 321 24.89 21.96 12.57
CA GLU A 321 24.96 23.23 13.31
C GLU A 321 24.74 24.46 12.49
N GLU A 322 24.84 24.36 11.18
CA GLU A 322 24.56 25.41 10.28
C GLU A 322 23.05 25.52 10.18
N ALA A 323 22.37 24.40 10.15
CA ALA A 323 20.91 24.45 10.13
C ALA A 323 20.31 24.88 11.45
N LEU A 324 21.03 24.67 12.56
CA LEU A 324 20.56 25.15 13.86
C LEU A 324 20.58 26.67 13.92
N ALA A 325 21.58 27.29 13.30
CA ALA A 325 21.65 28.75 13.30
C ALA A 325 20.48 29.38 12.54
N GLU A 326 20.08 28.75 11.47
CA GLU A 326 19.01 29.22 10.64
C GLU A 326 17.68 29.16 11.36
N LEU A 327 17.47 28.14 12.16
CA LEU A 327 16.24 28.01 12.93
C LEU A 327 16.10 29.16 13.93
N PHE A 328 17.22 29.56 14.54
CA PHE A 328 17.19 30.70 15.46
C PHE A 328 17.11 32.03 14.72
N ASN A 329 17.61 32.08 13.51
CA ASN A 329 17.49 33.25 12.67
C ASN A 329 16.09 33.41 12.27
N GLN A 330 15.44 32.30 12.03
CA GLN A 330 14.06 32.28 11.69
C GLN A 330 13.27 32.81 12.84
N ASP A 331 13.58 32.40 14.04
CA ASP A 331 12.90 32.91 15.20
C ASP A 331 13.04 34.37 15.36
N LEU A 332 14.23 34.91 15.18
CA LEU A 332 14.41 36.36 15.30
C LEU A 332 13.59 37.11 14.25
N ILE A 333 13.57 36.61 13.02
CA ILE A 333 12.80 37.29 11.96
C ILE A 333 11.31 37.17 12.23
N ASN A 334 10.85 35.96 12.56
CA ASN A 334 9.42 35.76 12.81
C ASN A 334 8.94 36.60 14.00
N LEU A 335 9.78 36.71 15.04
CA LEU A 335 9.39 37.50 16.20
C LEU A 335 9.41 39.00 15.89
N ALA A 336 10.38 39.43 15.08
CA ALA A 336 10.43 40.84 14.69
C ALA A 336 9.24 41.22 13.83
N ASP A 337 8.69 40.27 13.07
CA ASP A 337 7.50 40.52 12.27
C ASP A 337 6.22 40.36 13.08
N ASN A 338 6.30 39.85 14.30
CA ASN A 338 5.10 39.62 15.10
C ASN A 338 4.51 40.94 15.57
N PRO A 339 3.23 41.21 15.29
CA PRO A 339 2.62 42.47 15.74
C PRO A 339 2.51 42.58 17.26
N HIS A 340 2.49 41.46 17.97
CA HIS A 340 2.35 41.45 19.42
C HIS A 340 3.68 41.26 20.14
N ARG A 341 4.80 41.57 19.47
CA ARG A 341 6.11 41.25 20.02
C ARG A 341 6.42 42.06 21.28
N ALA A 342 5.94 43.30 21.36
CA ALA A 342 6.21 44.17 22.51
C ALA A 342 5.00 44.31 23.42
N GLU A 343 4.06 43.37 23.35
CA GLU A 343 2.84 43.45 24.13
C GLU A 343 3.07 42.86 25.53
N THR A 344 2.61 43.58 26.55
CA THR A 344 2.79 43.15 27.92
C THR A 344 1.97 41.89 28.20
N TYR A 345 2.05 41.30 29.38
CA TYR A 345 1.26 40.10 29.68
C TYR A 345 -0.15 40.46 29.93
N GLU A 346 -0.41 41.63 30.44
CA GLU A 346 -1.82 41.99 30.59
C GLU A 346 -2.51 42.12 29.25
N GLN A 347 -1.78 42.62 28.24
CA GLN A 347 -2.37 42.76 26.91
C GLN A 347 -2.55 41.41 26.24
N VAL A 348 -1.66 40.47 26.46
CA VAL A 348 -1.75 39.18 25.87
C VAL A 348 -2.74 38.35 26.64
N VAL A 349 -2.99 38.68 27.88
CA VAL A 349 -3.98 37.96 28.63
C VAL A 349 -5.29 38.57 28.30
N LYS A 350 -5.33 39.83 27.86
CA LYS A 350 -6.58 40.45 27.46
C LYS A 350 -7.11 39.86 26.14
N ALA A 351 -6.20 39.33 25.31
CA ALA A 351 -6.52 38.79 24.03
C ALA A 351 -7.07 37.38 24.05
N SER A 352 -6.76 36.65 25.10
CA SER A 352 -7.23 35.31 25.26
C SER A 352 -8.63 35.33 25.77
N ARG A 353 -8.97 36.37 26.49
CA ARG A 353 -10.29 36.49 27.04
C ARG A 353 -11.22 36.99 26.00
N MET A 354 -10.69 37.47 24.90
CA MET A 354 -11.57 37.98 23.89
C MET A 354 -11.42 37.17 22.63
N GLN A 355 -11.13 35.90 22.83
CA GLN A 355 -10.94 34.94 21.77
C GLN A 355 -10.19 35.41 20.51
N ALA A 356 -9.24 36.31 20.70
CA ALA A 356 -8.44 36.87 19.62
C ALA A 356 -7.16 36.12 19.43
N TYR A 357 -6.99 35.00 20.08
CA TYR A 357 -5.79 34.24 19.90
C TYR A 357 -5.69 33.69 18.49
N THR A 358 -4.77 34.25 17.74
CA THR A 358 -4.54 33.90 16.35
C THR A 358 -3.25 33.18 16.21
N SER A 359 -2.83 32.96 15.00
CA SER A 359 -1.57 32.25 14.84
C SER A 359 -0.42 33.06 15.36
N ALA A 360 -0.50 34.36 15.23
CA ALA A 360 0.51 35.26 15.70
C ALA A 360 0.67 35.19 17.20
N TYR A 361 -0.41 35.03 17.92
CA TYR A 361 -0.37 34.90 19.34
C TYR A 361 0.12 33.56 19.82
N LYS A 362 -0.21 32.50 19.12
CA LYS A 362 0.19 31.19 19.57
C LYS A 362 1.63 30.92 19.24
N LYS A 363 2.12 31.69 18.32
CA LYS A 363 3.47 31.59 17.90
C LYS A 363 4.37 32.59 18.61
N LEU A 364 3.84 33.58 19.28
CA LEU A 364 4.61 34.59 20.00
C LEU A 364 5.42 33.96 21.13
N ALA A 365 4.81 33.04 21.88
CA ALA A 365 5.52 32.38 22.96
C ALA A 365 6.55 31.38 22.46
N TYR A 366 6.38 30.86 21.24
CA TYR A 366 7.38 29.95 20.67
C TYR A 366 8.68 30.70 20.37
N TYR A 367 8.58 31.81 19.68
CA TYR A 367 9.73 32.58 19.33
C TYR A 367 10.38 33.18 20.56
N ARG A 368 9.59 33.70 21.47
CA ARG A 368 10.08 34.30 22.63
C ARG A 368 10.85 33.29 23.44
N GLY A 369 10.26 32.15 23.87
CA GLY A 369 10.88 31.17 24.75
C GLY A 369 12.12 30.51 24.18
N ALA A 370 12.14 30.27 22.87
CA ALA A 370 13.30 29.62 22.26
C ALA A 370 14.52 30.52 22.29
N LEU A 371 14.34 31.81 22.02
CA LEU A 371 15.48 32.73 22.03
C LEU A 371 15.99 32.96 23.45
N MET A 372 15.11 32.95 24.42
CA MET A 372 15.48 33.12 25.79
C MET A 372 16.27 31.94 26.24
N ALA A 373 15.87 30.76 25.85
CA ALA A 373 16.60 29.55 26.21
C ALA A 373 18.01 29.56 25.61
N LEU A 374 18.14 30.01 24.38
CA LEU A 374 19.44 30.15 23.77
C LEU A 374 20.26 31.13 24.57
N ASP A 375 19.71 32.26 24.92
CA ASP A 375 20.42 33.25 25.73
C ASP A 375 20.80 32.67 27.09
N TRP A 376 19.84 32.01 27.75
CA TRP A 376 20.10 31.47 29.09
C TRP A 376 21.21 30.43 29.07
N ASP A 377 21.31 29.67 28.02
CA ASP A 377 22.36 28.70 27.93
C ASP A 377 23.73 29.32 27.72
N ALA A 378 23.83 30.44 27.02
CA ALA A 378 25.07 31.08 26.79
C ALA A 378 25.55 31.70 28.06
N ARG A 379 24.63 32.24 28.81
CA ARG A 379 24.95 32.88 30.03
C ARG A 379 25.34 31.90 31.08
N LEU A 380 24.68 30.76 31.11
CA LEU A 380 25.04 29.75 32.10
C LEU A 380 26.41 29.15 31.81
N ARG A 381 26.67 28.84 30.54
CA ARG A 381 27.97 28.27 30.17
C ARG A 381 29.09 29.31 30.22
N ALA A 382 28.76 30.60 30.13
CA ALA A 382 29.78 31.63 30.24
C ALA A 382 30.35 31.72 31.65
N GLN A 383 29.66 31.18 32.65
CA GLN A 383 30.15 31.23 34.02
C GLN A 383 31.35 30.30 34.23
N GLY A 384 31.56 29.33 33.36
CA GLY A 384 32.70 28.44 33.48
C GLY A 384 32.65 27.50 34.66
N SER A 385 31.46 27.22 35.19
CA SER A 385 31.29 26.34 36.34
C SER A 385 30.61 25.02 35.95
N GLY A 386 30.78 24.61 34.69
CA GLY A 386 30.13 23.40 34.21
C GLY A 386 28.63 23.48 34.09
N ALA A 387 28.05 24.67 34.27
CA ALA A 387 26.61 24.82 34.19
C ALA A 387 26.14 24.85 32.75
N SER A 388 24.86 24.52 32.55
CA SER A 388 24.23 24.51 31.25
C SER A 388 22.72 24.47 31.46
N LEU A 389 21.98 24.84 30.41
CA LEU A 389 20.53 24.82 30.52
C LEU A 389 20.00 23.40 30.61
N GLY A 390 20.64 22.44 29.94
CA GLY A 390 20.22 21.05 30.05
C GLY A 390 20.46 20.48 31.43
N LYS A 391 21.59 20.80 32.05
CA LYS A 391 21.83 20.40 33.43
C LYS A 391 20.82 21.03 34.36
N LEU A 392 20.44 22.25 34.11
CA LEU A 392 19.46 22.89 34.92
C LEU A 392 18.13 22.23 34.82
N LEU A 393 17.72 21.83 33.63
CA LEU A 393 16.42 21.19 33.47
C LEU A 393 16.37 19.81 34.10
N ARG A 394 17.50 19.13 34.19
CA ARG A 394 17.55 17.87 34.86
C ARG A 394 17.27 18.08 36.35
N GLU A 395 17.85 19.10 36.96
CA GLU A 395 17.60 19.39 38.37
C GLU A 395 16.14 19.77 38.59
N LEU A 396 15.58 20.61 37.71
CA LEU A 396 14.20 21.03 37.87
C LEU A 396 13.25 19.85 37.77
N HIS A 397 13.49 18.95 36.85
CA HIS A 397 12.63 17.82 36.67
C HIS A 397 12.72 16.90 37.89
N ALA A 398 13.92 16.73 38.40
CA ALA A 398 14.10 15.87 39.58
C ALA A 398 13.35 16.42 40.79
N LEU A 399 13.45 17.73 41.04
CA LEU A 399 12.78 18.35 42.21
C LEU A 399 11.27 18.29 42.00
N ALA A 400 10.82 18.43 40.77
CA ALA A 400 9.36 18.45 40.49
C ALA A 400 8.73 17.09 40.76
N ALA A 401 9.52 16.02 40.68
CA ALA A 401 8.98 14.67 40.89
C ALA A 401 8.47 14.53 42.32
N GLY A 402 8.93 15.39 43.23
CA GLY A 402 8.50 15.33 44.65
C GLY A 402 7.24 16.13 44.89
N ARG A 403 6.78 16.89 43.89
CA ARG A 403 5.59 17.77 44.08
C ARG A 403 4.57 17.46 42.98
N GLY A 404 4.87 16.50 42.11
CA GLY A 404 3.87 16.08 41.10
C GLY A 404 4.15 16.62 39.73
N GLY A 405 5.43 16.77 39.39
CA GLY A 405 5.78 17.40 38.10
C GLY A 405 5.35 18.85 38.09
N GLU A 406 5.24 19.47 39.25
CA GLU A 406 4.70 20.84 39.30
C GLU A 406 5.58 21.70 40.19
N LEU A 407 6.03 22.85 39.68
CA LEU A 407 6.83 23.77 40.48
C LEU A 407 6.12 25.11 40.58
N SER A 408 6.06 25.65 41.80
CA SER A 408 5.59 27.01 41.96
C SER A 408 6.56 27.97 41.27
N GLU A 409 6.05 29.16 40.93
CA GLU A 409 6.89 30.17 40.29
C GLU A 409 8.09 30.52 41.16
N ASP A 410 7.89 30.55 42.48
CA ASP A 410 8.98 30.90 43.38
C ASP A 410 10.05 29.81 43.39
N ALA A 411 9.64 28.54 43.44
CA ALA A 411 10.62 27.46 43.46
C ALA A 411 11.39 27.40 42.14
N PHE A 412 10.71 27.60 41.03
CA PHE A 412 11.34 27.54 39.74
C PHE A 412 12.44 28.54 39.61
N PHE A 413 12.15 29.75 39.99
CA PHE A 413 13.08 30.83 39.89
C PHE A 413 14.13 30.82 40.94
N ASP A 414 13.90 30.15 42.04
CA ASP A 414 14.90 30.05 43.07
C ASP A 414 16.00 29.16 42.55
N VAL A 415 15.66 28.15 41.77
CA VAL A 415 16.66 27.24 41.22
C VAL A 415 17.55 27.97 40.22
N LEU A 416 16.98 28.72 39.31
CA LEU A 416 17.78 29.44 38.35
C LEU A 416 18.69 30.43 39.05
N ALA A 417 18.16 31.18 39.99
CA ALA A 417 18.99 32.15 40.69
C ALA A 417 20.12 31.48 41.47
N ALA A 418 19.92 30.22 41.87
CA ALA A 418 20.98 29.50 42.58
C ALA A 418 22.15 29.18 41.66
N HIS A 419 21.89 29.03 40.36
CA HIS A 419 22.93 28.76 39.38
C HIS A 419 23.46 30.02 38.71
N GLY A 420 23.25 31.19 39.32
CA GLY A 420 23.78 32.43 38.80
C GLY A 420 23.01 33.03 37.65
N LEU A 421 21.83 32.52 37.33
CA LEU A 421 21.01 33.01 36.23
C LEU A 421 19.86 33.84 36.77
N GLU A 422 19.69 35.04 36.23
CA GLU A 422 18.61 35.95 36.65
C GLU A 422 17.35 35.64 35.84
N GLY A 423 16.78 34.47 36.11
CA GLY A 423 15.57 34.03 35.42
C GLY A 423 14.37 34.93 35.66
N ARG A 424 14.08 35.19 36.93
CA ARG A 424 12.94 36.03 37.30
C ARG A 424 12.96 37.38 36.58
N GLY A 425 14.13 38.03 36.60
CA GLY A 425 14.28 39.32 35.97
C GLY A 425 13.84 39.32 34.50
N ASP A 426 14.28 38.32 33.76
CA ASP A 426 13.94 38.21 32.35
C ASP A 426 12.45 37.93 32.14
N PHE A 427 11.86 37.19 33.08
CA PHE A 427 10.45 36.84 32.99
C PHE A 427 9.54 38.06 33.12
N GLU A 428 9.89 38.97 34.03
CA GLU A 428 9.09 40.18 34.24
C GLU A 428 9.57 41.32 33.37
N ARG A 429 10.45 41.01 32.42
CA ARG A 429 10.99 42.02 31.52
C ARG A 429 10.68 41.70 30.06
N HIS A 430 10.67 40.42 29.73
CA HIS A 430 10.39 39.98 28.36
C HIS A 430 8.99 39.40 28.21
N ILE A 431 8.50 38.74 29.25
CA ILE A 431 7.17 38.15 29.21
C ILE A 431 6.16 39.11 29.83
N LEU A 432 6.38 39.52 31.04
CA LEU A 432 5.42 40.35 31.67
C LEU A 432 5.39 41.74 31.14
N ARG A 433 6.56 42.26 30.81
CA ARG A 433 6.61 43.61 30.29
C ARG A 433 6.77 43.72 28.78
N GLY A 434 7.17 42.65 28.14
CA GLY A 434 7.30 42.67 26.70
C GLY A 434 8.53 43.38 26.16
N GLU A 435 9.54 43.43 26.98
CA GLU A 435 10.71 44.07 26.58
C GLU A 435 11.45 43.28 25.45
N PRO A 436 12.27 43.95 24.61
CA PRO A 436 12.92 43.15 23.57
C PRO A 436 13.94 42.18 24.14
N ILE A 437 14.04 41.02 23.52
CA ILE A 437 14.92 39.95 23.95
C ILE A 437 16.28 40.11 23.28
N THR A 438 17.34 40.04 24.07
CA THR A 438 18.71 40.08 23.57
C THR A 438 19.33 38.69 23.70
N VAL A 439 19.93 38.20 22.63
CA VAL A 439 20.63 36.93 22.62
C VAL A 439 22.12 37.20 22.66
N ALA A 440 22.81 36.58 23.61
CA ALA A 440 24.25 36.78 23.74
C ALA A 440 24.95 36.36 22.44
N PRO A 441 25.93 37.12 21.98
CA PRO A 441 26.52 36.85 20.66
C PRO A 441 27.22 35.51 20.55
N GLU A 442 27.67 34.96 21.66
CA GLU A 442 28.37 33.71 21.66
C GLU A 442 27.53 32.46 21.77
N ALA A 443 26.22 32.64 21.86
CA ALA A 443 25.25 31.59 22.04
C ALA A 443 25.18 30.42 21.12
N LEU A 444 25.72 30.55 19.91
CA LEU A 444 25.79 29.45 18.99
C LEU A 444 27.19 28.91 18.84
N GLY A 445 28.08 29.12 19.81
CA GLY A 445 29.44 28.64 19.76
C GLY A 445 30.35 29.59 19.02
N PRO A 446 31.67 29.32 19.08
CA PRO A 446 32.62 30.20 18.37
C PRO A 446 32.54 30.10 16.86
N ALA A 447 31.84 29.12 16.31
CA ALA A 447 31.75 28.95 14.87
C ALA A 447 30.78 29.92 14.20
N PHE A 448 30.01 30.68 14.97
CA PHE A 448 29.00 31.57 14.41
C PHE A 448 29.06 32.92 15.12
N VAL A 449 28.83 33.97 14.31
CA VAL A 449 28.88 35.35 14.72
C VAL A 449 27.59 36.14 14.32
N PRO A 450 27.00 36.89 15.23
CA PRO A 450 25.84 37.64 14.76
C PRO A 450 26.29 38.86 14.01
N ARG A 451 25.77 39.05 12.83
CA ARG A 451 26.04 40.22 12.00
C ARG A 451 24.73 40.93 11.69
N ALA A 452 24.81 42.25 11.56
CA ALA A 452 23.63 43.03 11.22
C ALA A 452 23.20 42.72 9.79
N ARG A 453 21.93 42.33 9.59
CA ARG A 453 21.42 42.15 8.25
C ARG A 453 20.15 42.93 8.15
N ASP A 454 19.87 43.38 6.96
CA ASP A 454 18.68 44.15 6.64
C ASP A 454 17.61 43.20 6.09
N VAL A 455 16.49 43.12 6.80
CA VAL A 455 15.38 42.25 6.41
C VAL A 455 14.13 43.10 6.26
N ALA A 456 13.46 42.98 5.11
CA ALA A 456 12.25 43.75 4.86
C ALA A 456 11.13 43.26 5.77
N SER A 457 10.46 44.21 6.43
CA SER A 457 9.36 43.86 7.31
C SER A 457 8.17 43.35 6.50
N PHE A 458 7.36 42.51 7.15
CA PHE A 458 6.14 42.01 6.52
C PHE A 458 5.08 43.10 6.52
N ASP A 459 4.71 43.57 5.33
CA ASP A 459 3.72 44.64 5.18
C ASP A 459 2.91 44.37 3.94
N PRO A 460 1.69 43.83 4.07
CA PRO A 460 0.85 43.60 2.90
C PRO A 460 0.29 44.88 2.30
N GLY A 461 0.46 46.03 2.96
CA GLY A 461 -0.21 47.23 2.52
C GLY A 461 -1.71 47.18 2.67
N LEU A 462 -2.20 46.23 3.44
CA LEU A 462 -3.61 46.05 3.60
C LEU A 462 -3.93 45.29 4.89
N SER A 463 -4.96 45.70 5.60
CA SER A 463 -5.35 45.02 6.81
C SER A 463 -6.04 43.73 6.54
N LEU A 464 -5.31 42.65 6.63
CA LEU A 464 -5.87 41.36 6.36
C LEU A 464 -7.02 41.04 7.28
N GLU A 465 -6.80 41.05 8.59
CA GLU A 465 -7.85 40.71 9.55
C GLU A 465 -9.15 41.42 9.34
N GLN A 466 -9.07 42.72 9.15
CA GLN A 466 -10.24 43.51 8.88
C GLN A 466 -10.85 42.99 7.60
N THR A 467 -10.01 42.87 6.58
CA THR A 467 -10.48 42.40 5.29
C THR A 467 -11.18 41.09 5.34
N PHE A 468 -10.67 40.13 6.08
CA PHE A 468 -11.34 38.86 6.13
C PHE A 468 -12.59 38.87 6.99
N LYS A 469 -12.69 39.85 7.90
CA LYS A 469 -13.87 39.95 8.77
C LYS A 469 -15.03 40.38 7.95
N ALA A 470 -14.79 41.24 6.98
CA ALA A 470 -15.84 41.65 6.07
C ALA A 470 -15.63 40.88 4.80
N ARG A 471 -16.17 41.35 3.68
CA ARG A 471 -15.96 40.61 2.46
C ARG A 471 -15.48 41.53 1.38
N VAL A 472 -15.00 42.67 1.82
CA VAL A 472 -14.42 43.68 0.95
C VAL A 472 -13.00 43.95 1.40
N LEU A 473 -12.26 44.70 0.62
CA LEU A 473 -10.92 45.01 1.01
C LEU A 473 -10.93 46.17 1.99
N LYS A 474 -10.44 45.89 3.19
CA LYS A 474 -10.39 46.85 4.26
C LYS A 474 -8.98 47.23 4.60
N GLY A 475 -8.77 48.53 4.74
CA GLY A 475 -7.51 49.12 5.10
C GLY A 475 -6.41 49.20 4.07
N VAL A 476 -6.72 49.43 2.81
CA VAL A 476 -5.64 49.49 1.86
C VAL A 476 -5.00 50.82 1.98
N ILE A 477 -3.73 50.82 2.28
CA ILE A 477 -2.93 52.03 2.48
C ILE A 477 -2.49 52.56 1.13
N PRO A 478 -2.87 53.79 0.77
CA PRO A 478 -2.42 54.37 -0.51
C PRO A 478 -0.91 54.46 -0.59
N GLY A 479 -0.30 53.61 -1.41
CA GLY A 479 1.14 53.54 -1.54
C GLY A 479 1.75 52.24 -1.04
N GLY A 480 0.98 51.40 -0.37
CA GLY A 480 1.46 50.12 0.11
C GLY A 480 1.61 49.13 -1.01
N PRO A 481 2.20 47.97 -0.69
CA PRO A 481 2.40 46.94 -1.71
C PRO A 481 1.11 46.48 -2.37
N ALA A 482 0.01 46.40 -1.62
CA ALA A 482 -1.26 45.99 -2.21
C ALA A 482 -1.79 47.06 -3.16
N TYR A 483 -1.61 48.34 -2.81
CA TYR A 483 -2.08 49.41 -3.68
C TYR A 483 -1.35 49.42 -5.01
N GLU A 484 -0.02 49.26 -4.97
CA GLU A 484 0.75 49.27 -6.20
C GLU A 484 0.46 48.06 -7.07
N ALA A 485 0.07 46.94 -6.46
CA ALA A 485 -0.30 45.75 -7.24
C ALA A 485 -1.62 45.93 -7.98
N GLY A 486 -2.39 46.97 -7.65
CA GLY A 486 -3.67 47.20 -8.28
C GLY A 486 -4.86 47.03 -7.37
N LEU A 487 -4.69 46.76 -6.08
CA LEU A 487 -5.81 46.59 -5.18
C LEU A 487 -6.17 47.90 -4.48
N ARG A 488 -7.44 48.10 -4.21
CA ARG A 488 -8.10 49.31 -3.71
C ARG A 488 -9.11 49.00 -2.63
N GLU A 489 -9.63 50.02 -1.96
CA GLU A 489 -10.60 49.92 -0.88
C GLU A 489 -11.94 49.53 -1.35
N GLY A 490 -12.46 48.42 -0.88
CA GLY A 490 -13.82 48.05 -1.23
C GLY A 490 -13.92 47.15 -2.45
N MET A 491 -13.13 46.07 -2.46
CA MET A 491 -13.18 45.08 -3.56
C MET A 491 -13.64 43.75 -3.00
N LYS A 492 -14.64 43.12 -3.62
CA LYS A 492 -15.20 41.90 -3.10
C LYS A 492 -14.09 40.94 -2.97
N TRP A 493 -13.80 40.56 -1.76
CA TRP A 493 -12.74 39.66 -1.46
C TRP A 493 -13.14 38.22 -1.58
N VAL A 494 -12.41 37.47 -2.40
CA VAL A 494 -12.75 36.08 -2.57
C VAL A 494 -11.84 35.08 -1.84
N SER A 495 -10.55 35.02 -2.16
CA SER A 495 -9.68 34.09 -1.47
C SER A 495 -8.31 34.68 -1.25
N ALA A 496 -7.37 33.87 -0.78
CA ALA A 496 -6.01 34.30 -0.54
C ALA A 496 -5.05 33.14 -0.46
N ARG A 497 -3.81 33.30 -0.86
CA ARG A 497 -2.84 32.25 -0.68
C ARG A 497 -1.57 32.91 -0.16
N ASN A 498 -0.80 32.15 0.60
CA ASN A 498 0.43 32.54 1.25
C ASN A 498 0.18 33.79 2.01
N SER A 499 -0.95 33.90 2.68
CA SER A 499 -1.27 35.11 3.40
C SER A 499 -1.08 35.08 4.89
N SER A 500 -1.16 33.92 5.51
CA SER A 500 -0.97 33.79 6.97
C SER A 500 0.53 33.71 7.28
N ARG A 501 1.12 34.76 7.88
CA ARG A 501 2.58 34.86 8.13
C ARG A 501 3.05 33.90 9.22
N PHE A 502 2.21 33.61 10.20
CA PHE A 502 2.65 32.78 11.36
C PHE A 502 2.10 31.37 11.29
N VAL A 503 1.52 30.98 10.17
CA VAL A 503 1.13 29.54 10.03
C VAL A 503 2.28 28.85 9.32
N ASN A 504 2.55 27.62 9.66
CA ASN A 504 3.66 26.97 9.06
C ASN A 504 3.37 26.62 7.66
N GLY A 505 3.92 27.40 6.76
CA GLY A 505 3.70 27.20 5.32
C GLY A 505 4.00 28.49 4.61
N TRP A 506 4.19 29.54 5.40
CA TRP A 506 4.48 30.86 4.82
C TRP A 506 5.89 30.86 4.25
N ARG A 507 6.02 31.33 3.01
CA ARG A 507 7.33 31.39 2.35
C ARG A 507 7.58 32.84 1.97
N ALA A 508 8.64 33.44 2.50
CA ALA A 508 8.96 34.81 2.13
C ALA A 508 9.37 34.95 0.67
N ASP A 509 9.63 33.84 -0.02
CA ASP A 509 10.06 33.87 -1.42
C ASP A 509 8.92 33.64 -2.40
N LEU A 510 7.69 33.49 -1.91
CA LEU A 510 6.55 33.32 -2.79
C LEU A 510 5.59 34.50 -2.63
N PRO A 511 5.03 35.02 -3.69
CA PRO A 511 4.15 36.16 -3.51
C PRO A 511 2.90 35.90 -2.74
N LEU A 512 2.34 36.99 -2.27
CA LEU A 512 1.12 36.94 -1.53
C LEU A 512 0.07 36.97 -2.63
N GLU A 513 -0.78 35.96 -2.71
CA GLU A 513 -1.82 35.84 -3.72
C GLU A 513 -3.17 36.20 -3.12
N ILE A 514 -3.90 37.12 -3.75
CA ILE A 514 -5.19 37.55 -3.32
C ILE A 514 -6.12 37.62 -4.51
N ILE A 515 -7.04 36.70 -4.65
CA ILE A 515 -8.03 36.70 -5.73
C ILE A 515 -9.24 37.50 -5.26
N VAL A 516 -9.54 38.61 -5.95
CA VAL A 516 -10.65 39.49 -5.62
C VAL A 516 -11.76 39.34 -6.66
N GLU A 517 -12.88 40.03 -6.46
CA GLU A 517 -14.03 40.07 -7.36
C GLU A 517 -14.58 38.67 -7.64
N PRO A 522 -13.41 37.68 -11.40
CA PRO A 522 -12.50 37.39 -10.29
C PRO A 522 -11.04 37.38 -10.74
N ARG A 523 -10.32 38.48 -10.49
CA ARG A 523 -8.93 38.62 -10.89
C ARG A 523 -7.99 38.22 -9.80
N ARG A 524 -6.78 37.83 -10.19
CA ARG A 524 -5.81 37.34 -9.21
C ARG A 524 -4.63 38.29 -9.09
N PHE A 525 -4.49 38.89 -7.92
CA PHE A 525 -3.40 39.83 -7.66
C PHE A 525 -2.29 39.15 -6.86
N ALA A 526 -1.08 39.14 -7.41
CA ALA A 526 0.05 38.52 -6.74
C ALA A 526 1.17 39.54 -6.62
N PHE A 527 1.63 39.77 -5.38
CA PHE A 527 2.66 40.76 -5.12
C PHE A 527 3.46 40.31 -3.89
N PHE A 528 4.45 41.12 -3.52
CA PHE A 528 5.30 40.83 -2.38
C PHE A 528 4.96 41.76 -1.22
N PRO A 529 4.73 41.22 -0.02
CA PRO A 529 4.42 42.08 1.14
C PRO A 529 5.68 42.67 1.77
N ARG A 530 6.40 43.47 0.99
CA ARG A 530 7.68 44.04 1.40
C ARG A 530 7.46 45.43 1.97
N GLY A 531 7.83 45.61 3.24
CA GLY A 531 7.65 46.89 3.90
C GLY A 531 8.97 47.52 4.29
N PRO A 532 8.93 48.44 5.26
CA PRO A 532 10.16 49.13 5.67
C PRO A 532 11.21 48.14 6.15
N VAL A 533 12.47 48.46 5.86
CA VAL A 533 13.56 47.55 6.18
C VAL A 533 13.76 47.49 7.70
N ARG A 534 14.31 46.37 8.16
CA ARG A 534 14.59 46.16 9.57
C ARG A 534 15.95 45.50 9.71
N THR A 535 16.69 45.89 10.74
CA THR A 535 18.02 45.36 11.00
C THR A 535 17.97 44.46 12.23
N LEU A 536 18.49 43.24 12.08
CA LEU A 536 18.49 42.25 13.09
C LEU A 536 19.85 41.59 13.09
N MET A 537 20.27 41.08 14.22
CA MET A 537 21.55 40.43 14.30
C MET A 537 21.41 38.94 14.10
N LEU A 538 21.58 38.46 12.89
CA LEU A 538 21.46 37.06 12.60
C LEU A 538 22.78 36.39 12.70
N PHE A 539 22.79 35.13 13.03
CA PHE A 539 24.03 34.43 13.19
C PHE A 539 24.58 33.95 11.88
N GLN A 540 25.84 34.20 11.60
CA GLN A 540 26.38 33.76 10.36
C GLN A 540 27.61 32.97 10.63
N PRO A 541 27.99 32.07 9.71
CA PRO A 541 29.25 31.37 9.97
C PRO A 541 30.43 32.33 9.88
N ARG A 542 31.49 32.05 10.64
CA ARG A 542 32.65 32.92 10.68
C ARG A 542 33.31 33.12 9.35
N GLY B 15 6.31 9.03 -39.08
CA GLY B 15 6.30 10.05 -38.04
C GLY B 15 6.74 9.52 -36.68
N ASP B 16 7.05 10.43 -35.77
CA ASP B 16 7.49 10.10 -34.42
C ASP B 16 6.37 10.41 -33.42
N ILE B 17 6.18 9.55 -32.42
CA ILE B 17 5.18 9.75 -31.33
C ILE B 17 6.01 9.85 -30.05
N HIS B 18 5.98 10.96 -29.33
CA HIS B 18 6.73 11.19 -28.08
C HIS B 18 5.76 11.09 -26.92
N TYR B 19 6.07 10.21 -25.98
CA TYR B 19 5.21 9.97 -24.83
C TYR B 19 5.97 10.27 -23.54
N ARG B 20 5.32 10.94 -22.62
CA ARG B 20 5.88 11.25 -21.34
C ARG B 20 4.86 10.87 -20.32
N VAL B 21 5.23 10.02 -19.40
CA VAL B 21 4.30 9.52 -18.40
C VAL B 21 4.69 9.85 -17.00
N LYS B 22 3.84 10.51 -16.23
CA LYS B 22 4.19 10.78 -14.86
C LYS B 22 3.35 10.07 -13.81
N PRO B 23 3.97 9.33 -12.91
CA PRO B 23 3.17 8.71 -11.87
C PRO B 23 2.90 9.64 -10.71
N VAL B 24 1.65 9.84 -10.39
CA VAL B 24 1.29 10.72 -9.31
C VAL B 24 0.60 9.94 -8.22
N PRO B 25 1.31 9.65 -7.14
CA PRO B 25 0.69 8.88 -6.08
C PRO B 25 -0.44 9.63 -5.46
N ALA B 26 -1.51 8.93 -5.16
CA ALA B 26 -2.72 9.48 -4.58
C ALA B 26 -3.04 8.70 -3.30
N ALA B 27 -4.23 8.97 -2.75
CA ALA B 27 -4.61 8.37 -1.47
C ALA B 27 -4.84 6.86 -1.62
N ASP B 28 -5.54 6.44 -2.66
CA ASP B 28 -5.87 5.04 -2.86
C ASP B 28 -5.32 4.47 -4.16
N ARG B 29 -4.56 5.23 -4.93
CA ARG B 29 -4.12 4.80 -6.25
C ARG B 29 -2.90 5.61 -6.65
N THR B 30 -2.42 5.37 -7.87
CA THR B 30 -1.39 6.17 -8.51
C THR B 30 -1.89 6.57 -9.88
N ASP B 31 -2.17 7.86 -10.07
CA ASP B 31 -2.61 8.36 -11.37
C ASP B 31 -1.43 8.49 -12.32
N LEU B 32 -1.72 8.38 -13.61
CA LEU B 32 -0.71 8.49 -14.66
C LEU B 32 -1.01 9.73 -15.50
N ARG B 33 -0.18 10.75 -15.34
CA ARG B 33 -0.28 11.94 -16.17
C ARG B 33 0.51 11.68 -17.45
N VAL B 34 -0.20 11.58 -18.58
CA VAL B 34 0.40 11.23 -19.86
C VAL B 34 0.37 12.45 -20.77
N THR B 35 1.50 12.80 -21.38
CA THR B 35 1.55 13.87 -22.32
C THR B 35 2.15 13.23 -23.58
N VAL B 36 1.65 13.56 -24.75
CA VAL B 36 2.03 12.96 -26.02
C VAL B 36 2.14 14.06 -27.07
N GLN B 37 3.13 13.93 -27.96
CA GLN B 37 3.36 14.91 -29.01
C GLN B 37 3.80 14.20 -30.29
N PHE B 38 3.22 14.64 -31.41
CA PHE B 38 3.55 14.07 -32.71
C PHE B 38 3.16 15.07 -33.79
N GLN B 39 3.55 14.79 -35.01
CA GLN B 39 3.25 15.65 -36.13
C GLN B 39 2.16 15.05 -37.00
N ALA B 40 1.09 15.78 -37.23
CA ALA B 40 0.03 15.40 -38.09
C ALA B 40 0.37 15.96 -39.50
N PRO B 41 -0.41 15.61 -40.53
CA PRO B 41 -0.05 16.12 -41.85
C PRO B 41 -0.32 17.60 -42.03
N ASP B 42 -1.49 18.02 -41.60
CA ASP B 42 -1.85 19.41 -41.69
C ASP B 42 -2.81 19.74 -40.57
N ALA B 43 -3.45 20.88 -40.63
CA ALA B 43 -4.32 21.25 -39.57
C ALA B 43 -5.73 20.74 -39.57
N THR B 44 -6.05 19.73 -40.36
CA THR B 44 -7.40 19.23 -40.38
C THR B 44 -7.73 18.54 -39.12
N PRO B 45 -8.84 18.95 -38.50
CA PRO B 45 -9.23 18.34 -37.26
C PRO B 45 -9.43 16.85 -37.44
N LEU B 46 -8.67 16.06 -36.73
CA LEU B 46 -8.72 14.61 -36.79
C LEU B 46 -9.33 14.06 -35.50
N THR B 47 -9.68 12.78 -35.46
CA THR B 47 -10.26 12.12 -34.31
C THR B 47 -9.24 11.15 -33.69
N VAL B 48 -9.20 11.10 -32.37
CA VAL B 48 -8.37 10.20 -31.59
C VAL B 48 -9.25 9.47 -30.59
N ARG B 49 -8.86 8.27 -30.23
CA ARG B 49 -9.66 7.44 -29.34
C ARG B 49 -8.90 7.15 -28.05
N LEU B 50 -9.65 7.12 -26.95
CA LEU B 50 -9.09 6.80 -25.65
C LEU B 50 -8.74 5.31 -25.58
N PRO B 51 -7.84 4.93 -24.68
CA PRO B 51 -7.37 3.53 -24.67
C PRO B 51 -8.50 2.54 -24.38
N GLU B 52 -8.56 1.46 -25.18
CA GLU B 52 -9.52 0.36 -24.98
C GLU B 52 -8.69 -0.81 -24.48
N ASP B 53 -9.14 -1.48 -23.45
CA ASP B 53 -8.39 -2.57 -22.82
C ASP B 53 -8.54 -3.84 -23.65
N CYS B 54 -7.42 -4.35 -24.15
CA CYS B 54 -7.41 -5.66 -24.79
C CYS B 54 -7.45 -6.80 -23.80
N TYR B 55 -7.29 -6.53 -22.50
CA TYR B 55 -7.21 -7.55 -21.49
C TYR B 55 -8.52 -7.73 -20.71
N GLY B 56 -9.58 -7.04 -21.11
CA GLY B 56 -10.92 -7.39 -20.66
C GLY B 56 -11.70 -6.31 -19.92
N THR B 57 -11.12 -5.24 -19.46
CA THR B 57 -11.89 -4.26 -18.73
C THR B 57 -12.94 -3.67 -19.53
N PRO B 58 -14.13 -3.64 -18.97
CA PRO B 58 -15.18 -3.06 -19.77
C PRO B 58 -15.14 -1.57 -19.62
N ASP B 59 -15.19 -0.82 -20.72
CA ASP B 59 -15.17 0.62 -20.76
C ASP B 59 -13.92 1.26 -20.15
N LEU B 60 -12.74 1.02 -20.65
CA LEU B 60 -11.57 1.65 -20.03
C LEU B 60 -11.51 3.18 -20.14
N HIS B 61 -12.28 3.76 -21.02
CA HIS B 61 -12.32 5.18 -21.15
C HIS B 61 -12.88 5.89 -19.93
N GLN B 62 -13.70 5.25 -19.12
CA GLN B 62 -14.30 5.88 -17.94
C GLN B 62 -13.25 6.37 -16.95
N TYR B 63 -12.04 5.82 -17.01
CA TYR B 63 -10.99 6.16 -16.06
C TYR B 63 -10.13 7.32 -16.53
N VAL B 64 -10.32 7.79 -17.77
CA VAL B 64 -9.64 9.00 -18.23
C VAL B 64 -10.31 10.19 -17.54
N ARG B 65 -9.61 10.75 -16.55
CA ARG B 65 -10.13 11.90 -15.82
C ARG B 65 -10.23 13.13 -16.71
N SER B 66 -9.14 13.56 -17.34
CA SER B 66 -9.13 14.72 -18.16
C SER B 66 -8.44 14.43 -19.46
N PHE B 67 -8.71 15.25 -20.46
CA PHE B 67 -8.10 15.09 -21.77
C PHE B 67 -8.11 16.45 -22.41
N GLN B 68 -7.06 17.21 -22.25
CA GLN B 68 -6.97 18.55 -22.76
C GLN B 68 -5.78 18.69 -23.65
N GLY B 69 -5.64 19.75 -24.51
CA GLY B 69 -4.53 20.04 -25.39
C GLY B 69 -3.45 20.86 -24.73
N MET B 70 -2.29 21.01 -25.37
CA MET B 70 -1.18 21.67 -24.78
C MET B 70 -0.59 22.59 -25.82
N ASP B 71 -0.18 23.76 -25.38
CA ASP B 71 0.39 24.82 -26.14
C ASP B 71 -0.39 25.21 -27.35
N GLY B 72 -1.64 25.51 -27.23
CA GLY B 72 -2.37 25.92 -28.41
C GLY B 72 -3.21 24.90 -29.15
N VAL B 73 -3.01 23.63 -28.90
CA VAL B 73 -3.82 22.60 -29.54
C VAL B 73 -5.18 22.52 -28.84
N LYS B 74 -6.25 22.63 -29.62
CA LYS B 74 -7.59 22.64 -29.07
C LYS B 74 -8.20 21.24 -29.14
N VAL B 75 -9.06 20.97 -28.16
CA VAL B 75 -9.68 19.71 -28.00
C VAL B 75 -11.16 19.86 -27.74
N SER B 76 -12.01 19.18 -28.51
CA SER B 76 -13.45 19.21 -28.30
C SER B 76 -13.95 17.78 -28.14
N ALA B 77 -15.26 17.65 -27.93
CA ALA B 77 -15.88 16.33 -27.80
C ALA B 77 -15.98 15.65 -29.15
N GLY B 78 -15.79 14.34 -29.16
CA GLY B 78 -15.86 13.56 -30.38
C GLY B 78 -17.19 12.83 -30.51
N GLY B 79 -17.19 11.63 -31.06
CA GLY B 79 -18.42 10.89 -31.19
C GLY B 79 -18.99 10.42 -29.86
N ASP B 80 -18.36 9.41 -29.31
CA ASP B 80 -18.81 8.85 -28.06
C ASP B 80 -17.89 9.35 -26.94
N ALA B 81 -17.87 8.69 -25.78
CA ALA B 81 -16.99 9.04 -24.71
C ALA B 81 -15.61 8.39 -24.82
N ARG B 82 -15.41 7.62 -25.87
CA ARG B 82 -14.13 7.06 -26.14
C ARG B 82 -13.45 7.77 -27.28
N GLU B 83 -13.95 8.90 -27.74
CA GLU B 83 -13.39 9.64 -28.85
C GLU B 83 -13.22 11.11 -28.55
N ARG B 84 -12.17 11.72 -29.08
CA ARG B 84 -11.89 13.13 -28.89
C ARG B 84 -11.52 13.77 -30.22
N LYS B 85 -12.04 14.96 -30.46
CA LYS B 85 -11.71 15.75 -31.64
C LYS B 85 -10.65 16.78 -31.26
N VAL B 86 -9.47 16.67 -31.84
CA VAL B 86 -8.40 17.57 -31.56
C VAL B 86 -8.04 18.36 -32.81
N PHE B 87 -7.65 19.61 -32.64
CA PHE B 87 -7.35 20.51 -33.74
C PHE B 87 -5.85 20.77 -33.77
N PRO B 88 -5.12 20.18 -34.70
CA PRO B 88 -3.66 20.39 -34.73
C PRO B 88 -3.31 21.84 -35.07
N ARG B 89 -2.05 22.18 -34.82
CA ARG B 89 -1.54 23.49 -35.15
C ARG B 89 -1.45 23.65 -36.67
N PRO B 90 -1.29 24.88 -37.16
CA PRO B 90 -1.11 25.06 -38.61
C PRO B 90 0.04 24.25 -39.18
N ASP B 91 1.14 24.12 -38.44
CA ASP B 91 2.27 23.33 -38.89
C ASP B 91 2.03 21.83 -38.76
N GLY B 92 1.05 21.42 -37.96
CA GLY B 92 0.70 20.02 -37.80
C GLY B 92 1.03 19.42 -36.44
N ARG B 93 1.53 20.19 -35.51
CA ARG B 93 1.84 19.63 -34.24
C ARG B 93 0.63 19.28 -33.43
N VAL B 94 0.70 18.15 -32.74
CA VAL B 94 -0.37 17.73 -31.86
C VAL B 94 0.28 17.50 -30.53
N SER B 95 -0.33 17.94 -29.46
CA SER B 95 0.26 17.89 -28.17
C SER B 95 -0.87 17.74 -27.23
N LEU B 96 -1.03 16.58 -26.63
CA LEU B 96 -2.11 16.38 -25.71
C LEU B 96 -1.65 15.87 -24.37
N ARG B 97 -2.48 16.09 -23.37
CA ARG B 97 -2.25 15.69 -22.01
C ARG B 97 -3.50 15.04 -21.45
N TYR B 98 -3.38 13.88 -20.85
CA TYR B 98 -4.53 13.23 -20.22
C TYR B 98 -4.08 12.47 -18.99
N VAL B 99 -4.97 12.41 -18.00
CA VAL B 99 -4.70 11.80 -16.71
C VAL B 99 -5.51 10.52 -16.60
N LEU B 100 -4.83 9.41 -16.34
CA LEU B 100 -5.48 8.12 -16.15
C LEU B 100 -5.58 7.85 -14.65
N SER B 101 -6.81 7.83 -14.14
CA SER B 101 -7.08 7.55 -12.73
C SER B 101 -7.87 6.24 -12.66
N PHE B 102 -7.17 5.14 -12.42
CA PHE B 102 -7.79 3.82 -12.39
C PHE B 102 -8.30 3.49 -11.00
N ASP B 103 -9.52 2.95 -10.94
CA ASP B 103 -10.14 2.59 -9.67
C ASP B 103 -9.54 1.29 -9.16
N PRO B 104 -8.87 1.29 -8.00
CA PRO B 104 -8.37 0.01 -7.46
C PRO B 104 -9.47 -0.93 -7.04
N ARG B 105 -10.62 -0.42 -6.59
CA ARG B 105 -11.70 -1.28 -6.17
C ARG B 105 -12.36 -1.97 -7.36
N GLY B 106 -12.67 -1.21 -8.42
CA GLY B 106 -13.32 -1.80 -9.57
C GLY B 106 -12.44 -2.77 -10.33
N LEU B 107 -11.17 -2.46 -10.40
CA LEU B 107 -10.25 -3.31 -11.11
C LEU B 107 -9.74 -4.51 -10.39
N ASP B 108 -10.20 -4.73 -9.20
CA ASP B 108 -9.85 -5.96 -8.51
C ASP B 108 -10.56 -7.17 -9.10
N GLY B 109 -11.60 -6.95 -9.90
CA GLY B 109 -12.34 -8.03 -10.52
C GLY B 109 -11.89 -8.33 -11.94
N VAL B 110 -11.17 -7.41 -12.55
CA VAL B 110 -10.62 -7.60 -13.90
C VAL B 110 -9.24 -8.23 -13.75
N SER B 111 -9.12 -9.51 -14.11
CA SER B 111 -7.93 -10.28 -13.77
C SER B 111 -6.67 -9.65 -14.35
N PHE B 112 -6.75 -9.10 -15.56
CA PHE B 112 -5.58 -8.55 -16.24
C PHE B 112 -5.76 -7.07 -16.59
N GLY B 113 -6.68 -6.38 -15.92
CA GLY B 113 -6.83 -4.97 -16.11
C GLY B 113 -5.69 -4.18 -15.45
N PRO B 114 -5.79 -2.86 -15.52
CA PRO B 114 -4.79 -2.02 -14.83
C PRO B 114 -4.75 -2.33 -13.34
N ASN B 115 -3.53 -2.32 -12.79
CA ASN B 115 -3.29 -2.64 -11.39
C ASN B 115 -2.53 -1.47 -10.75
N VAL B 116 -3.24 -0.65 -9.97
CA VAL B 116 -2.66 0.51 -9.34
C VAL B 116 -2.81 0.39 -7.83
N GLY B 117 -2.08 1.25 -7.12
CA GLY B 117 -2.12 1.30 -5.68
C GLY B 117 -1.44 2.55 -5.17
N PRO B 118 -1.58 2.83 -3.87
CA PRO B 118 -0.97 4.04 -3.30
C PRO B 118 0.54 4.09 -3.45
N GLY B 119 1.20 3.01 -3.85
CA GLY B 119 2.64 3.02 -4.01
C GLY B 119 3.15 2.21 -5.18
N HIS B 120 2.30 2.02 -6.20
CA HIS B 120 2.70 1.24 -7.38
C HIS B 120 1.71 1.52 -8.51
N PHE B 121 2.08 1.04 -9.70
CA PHE B 121 1.21 1.11 -10.86
C PHE B 121 1.71 0.11 -11.90
N HIS B 122 0.76 -0.41 -12.69
CA HIS B 122 1.08 -1.28 -13.81
C HIS B 122 0.01 -1.12 -14.86
N VAL B 123 0.44 -0.96 -16.12
CA VAL B 123 -0.47 -0.79 -17.24
C VAL B 123 0.08 -1.55 -18.42
N ALA B 124 -0.73 -2.34 -19.10
CA ALA B 124 -0.35 -2.93 -20.34
C ALA B 124 -0.42 -1.85 -21.39
N GLY B 125 0.27 -2.05 -22.49
CA GLY B 125 0.30 -1.09 -23.58
C GLY B 125 -1.01 -0.53 -24.04
N CYS B 126 -2.03 -1.36 -24.15
CA CYS B 126 -3.35 -0.96 -24.54
C CYS B 126 -4.08 -0.19 -23.49
N GLN B 127 -3.70 -0.33 -22.25
CA GLN B 127 -4.33 0.32 -21.15
C GLN B 127 -3.95 1.77 -20.94
N TRP B 128 -2.95 2.25 -21.60
CA TRP B 128 -2.61 3.66 -21.47
C TRP B 128 -2.25 4.35 -22.78
N LEU B 129 -2.03 3.61 -23.84
CA LEU B 129 -1.72 4.21 -25.10
C LEU B 129 -2.97 4.68 -25.83
N LEU B 130 -2.84 5.76 -26.56
CA LEU B 130 -3.93 6.35 -27.29
C LEU B 130 -4.15 5.72 -28.62
N ARG B 131 -5.38 5.61 -29.05
CA ARG B 131 -5.68 5.04 -30.33
C ARG B 131 -5.77 6.12 -31.37
N LEU B 132 -4.78 6.16 -32.23
CA LEU B 132 -4.74 7.16 -33.24
C LEU B 132 -4.49 6.50 -34.55
N GLY B 133 -5.30 6.78 -35.53
CA GLY B 133 -5.08 6.20 -36.84
C GLY B 133 -5.04 4.69 -36.97
N ASP B 134 -4.34 4.21 -37.99
CA ASP B 134 -4.23 2.79 -38.23
C ASP B 134 -3.35 2.14 -37.19
N ALA B 135 -3.83 1.03 -36.66
CA ALA B 135 -3.17 0.25 -35.64
C ALA B 135 -2.12 -0.67 -36.17
N GLU B 136 -2.04 -0.80 -37.48
CA GLU B 136 -1.10 -1.67 -38.11
C GLU B 136 0.02 -0.88 -38.65
N ALA B 137 -0.13 0.42 -38.58
CA ALA B 137 0.89 1.29 -39.10
C ALA B 137 2.08 1.38 -38.17
N ARG B 138 3.28 1.35 -38.71
CA ARG B 138 4.48 1.42 -37.88
C ARG B 138 4.89 2.86 -37.65
N ARG B 139 5.36 3.16 -36.45
CA ARG B 139 5.80 4.51 -36.07
C ARG B 139 6.95 4.34 -35.09
N ARG B 140 7.76 5.39 -34.84
CA ARG B 140 8.89 5.34 -33.86
C ARG B 140 8.39 5.89 -32.53
N TYR B 141 8.19 5.05 -31.53
CA TYR B 141 7.64 5.37 -30.22
C TYR B 141 8.78 5.67 -29.26
N VAL B 142 8.81 6.88 -28.73
CA VAL B 142 9.74 7.27 -27.67
C VAL B 142 8.90 7.48 -26.41
N ILE B 143 9.10 6.62 -25.42
CA ILE B 143 8.28 6.60 -24.21
C ILE B 143 9.18 6.84 -23.01
N GLN B 144 8.87 7.90 -22.28
CA GLN B 144 9.69 8.26 -21.11
C GLN B 144 8.85 8.33 -19.84
N VAL B 145 9.45 7.99 -18.72
CA VAL B 145 8.85 8.14 -17.40
C VAL B 145 9.54 9.31 -16.71
N GLU B 146 8.77 10.32 -16.32
CA GLU B 146 9.33 11.49 -15.75
C GLU B 146 8.78 11.75 -14.39
N ASP B 147 9.50 12.47 -13.57
CA ASP B 147 9.09 12.81 -12.24
C ASP B 147 8.56 11.68 -11.41
N ALA B 148 9.29 10.59 -11.41
CA ALA B 148 8.91 9.45 -10.68
C ALA B 148 9.11 9.74 -9.23
N PRO B 149 8.26 9.21 -8.33
CA PRO B 149 8.51 9.52 -6.93
C PRO B 149 9.79 9.00 -6.35
N ALA B 150 10.23 9.61 -5.28
CA ALA B 150 11.50 9.22 -4.68
C ALA B 150 11.42 7.77 -4.19
N GLY B 151 12.46 6.99 -4.41
CA GLY B 151 12.50 5.63 -3.94
C GLY B 151 11.86 4.57 -4.78
N TRP B 152 11.26 4.94 -5.89
CA TRP B 152 10.55 4.00 -6.69
C TRP B 152 11.41 3.40 -7.74
N LYS B 153 11.10 2.19 -8.11
CA LYS B 153 11.86 1.56 -9.11
C LYS B 153 10.92 1.35 -10.29
N LEU B 154 11.44 1.51 -11.50
CA LEU B 154 10.63 1.34 -12.70
C LEU B 154 11.07 0.12 -13.52
N TYR B 155 10.18 -0.33 -14.41
CA TYR B 155 10.47 -1.48 -15.25
C TYR B 155 9.55 -1.50 -16.47
N SER B 156 10.14 -1.37 -17.66
CA SER B 156 9.37 -1.38 -18.90
C SER B 156 9.78 -2.58 -19.76
N SER B 157 8.85 -3.06 -20.57
CA SER B 157 9.12 -4.21 -21.43
C SER B 157 9.79 -3.81 -22.74
N LEU B 158 9.86 -2.51 -23.05
CA LEU B 158 10.45 -2.04 -24.29
C LEU B 158 11.92 -1.67 -24.15
N GLY B 159 12.44 -1.61 -22.92
CA GLY B 159 13.83 -1.26 -22.71
C GLY B 159 14.23 -1.48 -21.27
N GLY B 160 15.53 -1.71 -21.08
CA GLY B 160 16.05 -1.95 -19.75
C GLY B 160 16.05 -0.74 -18.84
N ASP B 161 15.86 0.46 -19.39
CA ASP B 161 15.86 1.70 -18.62
C ASP B 161 14.54 2.41 -18.89
N ALA B 162 13.58 2.25 -17.99
CA ALA B 162 12.23 2.80 -18.20
C ALA B 162 12.22 4.31 -18.26
N LEU B 163 13.32 4.98 -17.92
CA LEU B 163 13.37 6.43 -18.04
C LEU B 163 13.20 6.90 -19.49
N ARG B 164 13.59 6.05 -20.44
CA ARG B 164 13.43 6.38 -21.86
C ARG B 164 13.60 5.11 -22.67
N THR B 165 12.57 4.72 -23.42
CA THR B 165 12.61 3.61 -24.33
C THR B 165 12.42 4.10 -25.77
N GLU B 166 12.96 3.33 -26.71
CA GLU B 166 12.92 3.67 -28.12
C GLU B 166 12.50 2.43 -28.90
N THR B 167 11.28 2.44 -29.42
CA THR B 167 10.73 1.27 -30.09
C THR B 167 10.11 1.67 -31.42
N THR B 168 10.40 0.90 -32.46
CA THR B 168 9.79 1.06 -33.78
C THR B 168 8.86 -0.13 -33.99
N ALA B 169 7.56 0.09 -33.87
CA ALA B 169 6.57 -0.97 -34.03
C ALA B 169 5.22 -0.34 -34.30
N SER B 170 4.21 -1.19 -34.48
CA SER B 170 2.83 -0.76 -34.69
C SER B 170 2.09 -0.74 -33.36
N TYR B 171 0.93 -0.12 -33.36
CA TYR B 171 0.13 -0.03 -32.18
C TYR B 171 -0.28 -1.38 -31.73
N GLU B 172 -0.60 -2.26 -32.66
CA GLU B 172 -1.02 -3.60 -32.36
C GLU B 172 0.05 -4.31 -31.63
N ASP B 173 1.28 -4.11 -32.04
CA ASP B 173 2.41 -4.72 -31.39
C ASP B 173 2.57 -4.22 -29.98
N LEU B 174 2.27 -2.97 -29.76
CA LEU B 174 2.35 -2.46 -28.48
C LEU B 174 1.16 -2.66 -27.61
N THR B 175 0.17 -3.42 -27.91
CA THR B 175 -0.88 -3.60 -26.95
C THR B 175 -0.45 -4.53 -25.79
N SER B 176 0.53 -5.39 -26.03
CA SER B 176 0.99 -6.36 -25.10
C SER B 176 2.19 -5.90 -24.31
N SER B 177 2.66 -4.70 -24.52
CA SER B 177 3.78 -4.24 -23.77
C SER B 177 3.43 -3.76 -22.41
N ALA B 178 4.41 -3.54 -21.58
CA ALA B 178 4.12 -3.14 -20.26
C ALA B 178 4.95 -2.00 -19.67
N LEU B 179 4.33 -1.23 -18.83
CA LEU B 179 5.01 -0.14 -18.17
C LEU B 179 4.56 -0.13 -16.72
N GLY B 180 5.51 -0.05 -15.79
CA GLY B 180 5.14 -0.09 -14.39
C GLY B 180 6.23 0.42 -13.48
N GLY B 181 5.87 0.53 -12.21
CA GLY B 181 6.79 0.95 -11.19
C GLY B 181 6.22 0.66 -9.81
N GLY B 182 7.02 0.78 -8.77
CA GLY B 182 6.61 0.62 -7.43
C GLY B 182 7.59 0.93 -6.38
N SER B 183 7.14 0.85 -5.15
CA SER B 183 7.95 1.07 -4.01
C SER B 183 7.76 0.07 -2.91
N GLY B 184 7.23 -1.09 -3.21
CA GLY B 184 6.93 -2.06 -2.20
C GLY B 184 7.85 -3.20 -2.05
N GLY B 185 8.78 -3.41 -2.97
CA GLY B 185 9.74 -4.47 -2.92
C GLY B 185 10.50 -4.50 -4.20
N PHE B 186 11.84 -4.42 -4.25
CA PHE B 186 12.59 -4.47 -5.41
C PHE B 186 13.76 -5.31 -5.11
N HIS B 187 14.16 -6.15 -6.04
CA HIS B 187 15.38 -6.86 -5.95
C HIS B 187 15.97 -6.98 -7.35
N ARG B 188 17.27 -6.79 -7.45
CA ARG B 188 17.98 -6.90 -8.71
C ARG B 188 19.13 -7.88 -8.54
N PHE B 189 19.37 -8.74 -9.53
CA PHE B 189 20.51 -9.63 -9.59
C PHE B 189 20.93 -9.81 -11.05
N GLU B 190 22.10 -10.41 -11.25
CA GLU B 190 22.64 -10.67 -12.57
C GLU B 190 22.81 -12.16 -12.77
N VAL B 191 22.37 -12.69 -13.91
CA VAL B 191 22.55 -14.08 -14.21
C VAL B 191 23.27 -14.10 -15.53
N ARG B 192 24.49 -14.64 -15.58
CA ARG B 192 25.33 -14.69 -16.78
C ARG B 192 25.63 -13.34 -17.38
N GLY B 193 25.75 -12.34 -16.53
CA GLY B 193 26.03 -10.98 -16.96
C GLY B 193 24.83 -10.20 -17.43
N LYS B 194 23.63 -10.79 -17.43
CA LYS B 194 22.42 -10.12 -17.84
C LYS B 194 21.59 -9.72 -16.63
N SER B 195 20.82 -8.64 -16.78
CA SER B 195 20.09 -8.05 -15.66
C SER B 195 18.71 -8.66 -15.50
N VAL B 196 18.28 -8.84 -14.25
CA VAL B 196 16.96 -9.36 -13.91
C VAL B 196 16.46 -8.50 -12.75
N SER B 197 15.27 -7.93 -12.84
CA SER B 197 14.69 -7.05 -11.83
C SER B 197 13.39 -7.65 -11.34
N LEU B 198 13.17 -7.61 -10.02
CA LEU B 198 12.02 -8.17 -9.38
C LEU B 198 11.26 -7.08 -8.66
N PHE B 199 9.96 -7.01 -8.85
CA PHE B 199 9.12 -6.02 -8.20
C PHE B 199 7.95 -6.68 -7.53
N VAL B 200 7.65 -6.34 -6.30
CA VAL B 200 6.52 -6.87 -5.56
C VAL B 200 5.78 -5.75 -4.86
N ASP B 201 4.52 -5.52 -5.20
CA ASP B 201 3.69 -4.52 -4.54
C ASP B 201 2.37 -5.18 -4.18
N GLY B 202 1.64 -4.58 -3.28
CA GLY B 202 0.40 -5.15 -2.83
C GLY B 202 0.58 -5.98 -1.61
N ALA B 203 -0.50 -6.42 -1.00
CA ALA B 203 -0.43 -7.22 0.20
C ALA B 203 -0.25 -8.67 -0.11
N PHE B 204 0.68 -9.35 0.53
CA PHE B 204 1.02 -10.75 0.31
C PHE B 204 1.51 -11.38 1.59
N ASP B 205 1.02 -12.56 1.89
CA ASP B 205 1.38 -13.30 3.06
C ASP B 205 2.80 -13.75 3.04
N VAL B 206 3.26 -14.15 1.87
CA VAL B 206 4.65 -14.55 1.70
C VAL B 206 5.54 -13.33 1.83
N PRO B 207 6.50 -13.32 2.76
CA PRO B 207 7.37 -12.15 2.93
C PRO B 207 8.15 -11.84 1.66
N ARG B 208 8.57 -10.58 1.54
CA ARG B 208 9.24 -10.12 0.34
C ARG B 208 10.55 -10.86 0.11
N GLN B 209 11.27 -11.15 1.15
CA GLN B 209 12.51 -11.80 0.97
C GLN B 209 12.38 -13.22 0.48
N GLN B 210 11.36 -13.92 0.91
CA GLN B 210 11.12 -15.30 0.44
C GLN B 210 10.68 -15.30 -1.02
N LEU B 211 9.94 -14.28 -1.48
CA LEU B 211 9.56 -14.19 -2.88
C LEU B 211 10.75 -13.86 -3.76
N PHE B 212 11.65 -13.00 -3.28
CA PHE B 212 12.84 -12.65 -4.06
C PHE B 212 13.80 -13.81 -4.15
N THR B 213 14.03 -14.51 -3.04
CA THR B 213 14.93 -15.67 -3.05
C THR B 213 14.38 -16.76 -3.97
N ALA B 214 13.09 -17.07 -3.84
CA ALA B 214 12.49 -18.11 -4.68
C ALA B 214 12.53 -17.73 -6.15
N LEU B 215 12.25 -16.48 -6.47
CA LEU B 215 12.24 -16.05 -7.83
C LEU B 215 13.62 -15.98 -8.33
N GLU B 216 14.54 -15.63 -7.45
CA GLU B 216 15.92 -15.61 -7.86
C GLU B 216 16.27 -17.03 -8.17
N ARG B 217 15.95 -18.02 -7.35
CA ARG B 217 16.42 -19.35 -7.70
C ARG B 217 15.83 -19.94 -8.95
N ILE B 218 14.57 -19.70 -9.22
CA ILE B 218 13.85 -20.21 -10.37
C ILE B 218 14.42 -19.64 -11.66
N ILE B 219 14.76 -18.37 -11.68
CA ILE B 219 15.29 -17.80 -12.87
C ILE B 219 16.70 -18.24 -13.10
N THR B 220 17.50 -18.26 -12.07
CA THR B 220 18.84 -18.71 -12.22
C THR B 220 18.91 -20.14 -12.69
N SER B 221 17.96 -20.96 -12.32
CA SER B 221 17.90 -22.34 -12.78
C SER B 221 17.46 -22.42 -14.23
N GLN B 222 16.48 -21.66 -14.61
CA GLN B 222 16.01 -21.66 -15.96
C GLN B 222 17.03 -21.22 -16.95
N ARG B 223 17.78 -20.20 -16.62
CA ARG B 223 18.82 -19.73 -17.52
C ARG B 223 20.02 -20.66 -17.55
N GLU B 224 20.26 -21.41 -16.47
CA GLU B 224 21.30 -22.43 -16.50
C GLU B 224 20.98 -23.59 -17.42
N TRP B 225 19.75 -24.06 -17.37
CA TRP B 225 19.33 -25.24 -18.18
C TRP B 225 19.79 -25.05 -19.62
N PHE B 226 19.21 -24.08 -20.32
CA PHE B 226 19.48 -23.90 -21.72
C PHE B 226 20.78 -23.25 -22.06
N GLN B 227 21.55 -22.91 -21.03
CA GLN B 227 22.90 -22.31 -21.22
C GLN B 227 22.91 -21.25 -22.32
N ASP B 229 22.67 -17.60 -21.67
CA ASP B 229 22.84 -16.19 -21.94
C ASP B 229 21.61 -15.83 -22.68
N GLY B 230 20.86 -14.87 -22.16
CA GLY B 230 19.63 -14.50 -22.79
C GLY B 230 19.40 -13.04 -22.90
N PRO B 231 18.20 -12.60 -22.52
CA PRO B 231 17.70 -11.23 -22.57
C PRO B 231 18.58 -10.30 -21.81
N ASP B 232 18.75 -9.10 -22.33
CA ASP B 232 19.59 -8.12 -21.69
C ASP B 232 18.95 -7.50 -20.48
N TYR B 233 17.64 -7.52 -20.44
CA TYR B 233 16.88 -7.03 -19.32
C TYR B 233 15.65 -7.91 -19.18
N PHE B 234 15.22 -8.19 -17.96
CA PHE B 234 14.03 -8.98 -17.70
C PHE B 234 13.42 -8.54 -16.39
N HIS B 235 12.11 -8.34 -16.35
CA HIS B 235 11.44 -7.99 -15.15
C HIS B 235 10.37 -8.98 -14.73
N VAL B 236 10.23 -9.17 -13.45
CA VAL B 236 9.19 -9.99 -12.84
C VAL B 236 8.43 -9.09 -11.88
N ALA B 237 7.17 -8.80 -12.21
CA ALA B 237 6.34 -7.90 -11.43
C ALA B 237 5.20 -8.68 -10.79
N LEU B 238 5.09 -8.60 -9.47
CA LEU B 238 4.04 -9.25 -8.70
C LEU B 238 3.06 -8.18 -8.23
N ARG B 239 1.80 -8.30 -8.62
CA ARG B 239 0.79 -7.31 -8.32
C ARG B 239 -0.44 -7.98 -7.72
N PRO B 240 -1.17 -7.30 -6.86
CA PRO B 240 -2.28 -7.93 -6.16
C PRO B 240 -3.67 -7.97 -6.75
N ARG B 241 -4.35 -9.06 -6.70
CA ARG B 241 -5.68 -9.21 -7.21
C ARG B 241 -6.29 -10.38 -6.48
N SER B 242 -7.43 -10.22 -5.88
CA SER B 242 -8.05 -11.27 -5.08
C SER B 242 -8.64 -12.36 -5.97
N GLY B 243 -8.66 -13.57 -5.42
CA GLY B 243 -9.36 -14.68 -6.04
C GLY B 243 -8.73 -15.27 -7.28
N ILE B 244 -7.50 -14.88 -7.62
CA ILE B 244 -6.82 -15.43 -8.79
C ILE B 244 -5.35 -15.66 -8.45
N ILE B 245 -4.74 -16.58 -9.20
CA ILE B 245 -3.29 -16.71 -9.29
C ILE B 245 -2.96 -16.90 -10.76
N ALA B 246 -2.71 -15.81 -11.47
CA ALA B 246 -2.52 -15.84 -12.91
C ALA B 246 -1.29 -15.02 -13.28
N GLY B 247 -0.88 -15.15 -14.54
CA GLY B 247 0.27 -14.43 -15.04
C GLY B 247 0.25 -14.33 -16.54
N VAL B 248 0.88 -13.32 -17.16
CA VAL B 248 0.93 -13.12 -18.56
C VAL B 248 2.38 -13.04 -18.90
N ALA B 249 2.81 -13.71 -19.95
CA ALA B 249 4.19 -13.67 -20.27
C ALA B 249 4.52 -12.89 -21.44
N LEU B 250 5.64 -12.20 -21.38
CA LEU B 250 6.00 -11.39 -22.44
C LEU B 250 7.46 -11.50 -22.67
N ASP B 251 7.86 -10.90 -23.74
CA ASP B 251 9.28 -10.72 -24.00
C ASP B 251 9.82 -9.67 -23.04
N HIS B 252 10.85 -10.04 -22.28
CA HIS B 252 11.55 -9.18 -21.31
C HIS B 252 10.76 -8.93 -20.04
N ALA B 253 9.63 -9.61 -19.82
CA ALA B 253 8.86 -9.38 -18.60
C ALA B 253 7.89 -10.53 -18.36
N PHE B 254 7.60 -10.79 -17.09
CA PHE B 254 6.59 -11.72 -16.64
C PHE B 254 5.77 -11.00 -15.58
N ILE B 255 4.47 -10.84 -15.75
CA ILE B 255 3.67 -10.12 -14.85
C ILE B 255 2.79 -11.13 -14.16
N CYS B 256 2.61 -11.00 -12.89
CA CYS B 256 1.84 -11.95 -12.09
C CYS B 256 0.84 -11.20 -11.23
N PHE B 257 -0.44 -11.52 -11.39
CA PHE B 257 -1.51 -11.00 -10.56
C PHE B 257 -2.00 -12.13 -9.66
N ALA B 258 -1.79 -11.99 -8.35
CA ALA B 258 -2.07 -13.06 -7.41
C ALA B 258 -2.78 -12.52 -6.18
N LYS B 259 -3.46 -13.42 -5.48
CA LYS B 259 -4.18 -13.07 -4.26
C LYS B 259 -3.25 -13.04 -3.06
N ARG B 260 -3.68 -12.34 -2.02
CA ARG B 260 -2.84 -12.15 -0.83
C ARG B 260 -2.51 -13.47 -0.16
N GLU B 261 -3.47 -14.40 -0.13
CA GLU B 261 -3.32 -15.66 0.59
C GLU B 261 -2.61 -16.74 -0.23
N SER B 262 -1.84 -16.36 -1.24
CA SER B 262 -1.16 -17.33 -2.08
C SER B 262 -0.11 -18.09 -1.28
N ARG B 263 -0.11 -19.41 -1.41
CA ARG B 263 0.92 -20.22 -0.79
C ARG B 263 2.22 -20.13 -1.59
N PRO B 264 3.37 -20.34 -0.94
CA PRO B 264 4.64 -20.31 -1.68
C PRO B 264 4.68 -21.23 -2.89
N THR B 265 4.25 -22.47 -2.75
CA THR B 265 4.30 -23.46 -3.82
C THR B 265 3.36 -23.12 -4.94
N GLU B 266 2.24 -22.52 -4.63
CA GLU B 266 1.31 -22.09 -5.67
C GLU B 266 1.96 -21.06 -6.59
N LEU B 267 2.69 -20.11 -6.03
CA LEU B 267 3.37 -19.10 -6.85
C LEU B 267 4.59 -19.69 -7.54
N HIS B 268 5.32 -20.59 -6.85
CA HIS B 268 6.49 -21.20 -7.46
C HIS B 268 6.10 -22.02 -8.68
N LEU B 269 5.02 -22.80 -8.59
CA LEU B 269 4.59 -23.62 -9.72
C LEU B 269 4.14 -22.74 -10.89
N LEU B 270 3.56 -21.60 -10.62
CA LEU B 270 3.18 -20.73 -11.68
C LEU B 270 4.38 -20.00 -12.25
N PHE B 271 5.30 -19.56 -11.43
CA PHE B 271 6.46 -18.88 -11.94
C PHE B 271 7.25 -19.84 -12.76
N ALA B 272 7.47 -21.03 -12.24
CA ALA B 272 8.23 -22.01 -12.97
C ALA B 272 7.57 -22.55 -14.21
N HIS B 273 6.26 -22.48 -14.34
CA HIS B 273 5.59 -22.96 -15.52
C HIS B 273 5.38 -21.95 -16.57
N GLU B 274 5.00 -20.72 -16.26
CA GLU B 274 4.81 -19.73 -17.24
C GLU B 274 6.13 -19.16 -17.75
N MET B 275 7.19 -19.10 -16.96
CA MET B 275 8.44 -18.69 -17.50
C MET B 275 9.08 -19.79 -18.35
N PHE B 276 8.72 -21.01 -18.09
CA PHE B 276 9.27 -22.06 -18.90
C PHE B 276 8.70 -22.04 -20.32
N HIS B 277 7.55 -21.44 -20.52
CA HIS B 277 6.89 -21.37 -21.82
C HIS B 277 7.68 -20.54 -22.85
N ALA B 278 8.64 -19.75 -22.36
CA ALA B 278 9.51 -18.95 -23.21
C ALA B 278 10.51 -19.83 -23.97
N TRP B 279 10.75 -21.05 -23.48
CA TRP B 279 11.64 -21.99 -24.13
C TRP B 279 10.84 -23.14 -24.71
N LEU B 280 10.09 -23.80 -23.84
CA LEU B 280 9.30 -24.86 -24.26
C LEU B 280 7.85 -24.35 -24.27
N PRO B 281 7.02 -24.05 -25.41
CA PRO B 281 7.44 -24.34 -26.79
C PRO B 281 8.03 -23.11 -27.49
N GLY B 282 8.54 -22.14 -26.72
CA GLY B 282 8.99 -20.90 -27.33
C GLY B 282 10.18 -21.06 -28.26
N LYS B 283 11.08 -22.00 -27.94
CA LYS B 283 12.27 -22.26 -28.74
C LYS B 283 12.41 -23.74 -29.09
N LEU B 284 11.42 -24.56 -28.76
CA LEU B 284 11.46 -26.00 -29.01
C LEU B 284 10.02 -26.44 -29.33
N ARG B 285 9.61 -26.18 -30.56
CA ARG B 285 8.29 -26.52 -30.97
C ARG B 285 8.33 -27.72 -31.92
N ILE B 286 7.46 -28.68 -31.73
CA ILE B 286 7.33 -29.84 -32.60
C ILE B 286 6.27 -29.54 -33.65
N GLU B 287 6.68 -29.51 -34.91
CA GLU B 287 5.78 -29.14 -35.99
C GLU B 287 4.80 -30.28 -36.29
N PRO B 288 3.49 -30.06 -36.17
CA PRO B 288 2.53 -31.10 -36.55
C PRO B 288 2.53 -31.29 -38.05
N PRO B 289 2.08 -32.45 -38.53
CA PRO B 289 2.01 -32.68 -39.97
C PRO B 289 1.08 -31.69 -40.66
N LYS B 290 1.16 -31.66 -41.98
CA LYS B 290 0.38 -30.70 -42.75
C LYS B 290 -1.11 -30.92 -42.54
N GLY B 291 -1.81 -29.86 -42.14
CA GLY B 291 -3.22 -29.92 -41.84
C GLY B 291 -3.57 -30.33 -40.43
N GLU B 292 -2.59 -30.70 -39.63
CA GLU B 292 -2.94 -31.24 -38.30
C GLU B 292 -2.96 -30.10 -37.29
N PRO B 293 -3.86 -30.12 -36.33
CA PRO B 293 -3.91 -29.00 -35.42
C PRO B 293 -2.73 -28.79 -34.45
N GLU B 294 -2.76 -27.69 -33.73
CA GLU B 294 -1.69 -27.40 -32.79
C GLU B 294 -1.79 -28.25 -31.53
N LEU B 295 -2.97 -28.77 -31.27
CA LEU B 295 -3.17 -29.59 -30.12
C LEU B 295 -2.52 -30.93 -30.16
N ARG B 296 -2.11 -31.41 -31.33
CA ARG B 296 -1.41 -32.68 -31.52
C ARG B 296 -0.31 -32.81 -30.47
N HIS B 297 0.47 -31.76 -30.26
CA HIS B 297 1.59 -31.92 -29.34
C HIS B 297 1.38 -31.13 -28.05
N GLU B 298 0.19 -31.12 -27.55
CA GLU B 298 -0.08 -30.44 -26.35
C GLU B 298 0.51 -31.24 -25.20
N TRP B 299 0.56 -32.56 -25.31
CA TRP B 299 1.20 -33.41 -24.31
C TRP B 299 2.64 -32.98 -24.07
N PHE B 300 3.32 -32.42 -25.03
CA PHE B 300 4.70 -32.08 -24.92
C PHE B 300 4.87 -30.64 -24.60
N SER B 301 4.18 -29.78 -25.32
CA SER B 301 4.28 -28.36 -25.10
C SER B 301 3.64 -27.90 -23.84
N GLU B 302 2.79 -28.64 -23.17
CA GLU B 302 2.14 -28.32 -21.90
C GLU B 302 2.44 -29.33 -20.80
N GLY B 303 2.35 -30.63 -21.11
CA GLY B 303 2.59 -31.63 -20.09
C GLY B 303 4.03 -31.70 -19.65
N PHE B 304 4.96 -31.58 -20.57
CA PHE B 304 6.37 -31.64 -20.23
C PHE B 304 6.79 -30.37 -19.53
N THR B 305 6.22 -29.25 -19.89
CA THR B 305 6.59 -28.01 -19.29
C THR B 305 6.30 -28.08 -17.81
N GLU B 306 5.18 -28.70 -17.46
CA GLU B 306 4.78 -28.84 -16.07
C GLU B 306 5.72 -29.80 -15.35
N TYR B 307 6.10 -30.88 -16.03
CA TYR B 307 7.01 -31.86 -15.46
C TYR B 307 8.34 -31.20 -15.15
N PHE B 308 8.82 -30.40 -16.09
CA PHE B 308 10.08 -29.69 -15.91
C PHE B 308 9.94 -28.67 -14.78
N ALA B 309 8.82 -27.94 -14.77
CA ALA B 309 8.57 -26.95 -13.73
C ALA B 309 8.64 -27.59 -12.35
N ARG B 310 8.18 -28.81 -12.23
CA ARG B 310 8.21 -29.51 -11.00
C ARG B 310 9.62 -29.94 -10.68
N ARG B 311 10.35 -30.36 -11.71
CA ARG B 311 11.73 -30.81 -11.55
C ARG B 311 12.65 -29.64 -11.25
N LEU B 312 12.23 -28.44 -11.63
CA LEU B 312 13.03 -27.24 -11.40
C LEU B 312 12.96 -26.80 -9.95
N LEU B 313 11.77 -26.90 -9.36
CA LEU B 313 11.57 -26.50 -7.97
C LEU B 313 12.30 -27.45 -7.01
N VAL B 314 12.28 -28.74 -7.33
CA VAL B 314 12.93 -29.73 -6.51
C VAL B 314 14.41 -29.64 -6.60
N ASP B 315 14.94 -29.18 -7.71
CA ASP B 315 16.35 -29.00 -7.85
C ASP B 315 16.79 -27.77 -7.08
N ALA B 316 16.02 -26.69 -7.19
CA ALA B 316 16.29 -25.45 -6.48
C ALA B 316 15.95 -25.52 -5.00
N ARG B 317 15.56 -26.71 -4.50
CA ARG B 317 15.24 -26.92 -3.09
C ARG B 317 14.11 -26.01 -2.63
N LEU B 318 13.09 -25.86 -3.48
CA LEU B 318 11.90 -25.11 -3.12
C LEU B 318 10.68 -25.99 -2.90
N LEU B 319 10.68 -27.21 -3.42
CA LEU B 319 9.57 -28.14 -3.27
C LEU B 319 10.11 -29.45 -2.74
N PRO B 320 9.67 -29.92 -1.57
CA PRO B 320 10.15 -31.21 -1.07
C PRO B 320 9.67 -32.35 -1.95
N GLU B 321 10.49 -33.41 -1.99
CA GLU B 321 10.21 -34.54 -2.88
C GLU B 321 8.91 -35.25 -2.51
N GLU B 322 8.45 -35.12 -1.27
CA GLU B 322 7.17 -35.72 -0.89
C GLU B 322 6.03 -35.04 -1.62
N ALA B 323 6.09 -33.72 -1.77
CA ALA B 323 5.05 -33.01 -2.52
C ALA B 323 5.16 -33.33 -4.02
N LEU B 324 6.33 -33.63 -4.51
CA LEU B 324 6.51 -34.00 -5.88
C LEU B 324 5.79 -35.29 -6.17
N ALA B 325 5.80 -36.21 -5.22
CA ALA B 325 5.07 -37.45 -5.39
C ALA B 325 3.56 -37.21 -5.42
N GLU B 326 3.06 -36.32 -4.56
CA GLU B 326 1.63 -36.04 -4.55
C GLU B 326 1.19 -35.28 -5.78
N LEU B 327 2.09 -34.55 -6.45
CA LEU B 327 1.73 -33.88 -7.69
C LEU B 327 1.52 -34.89 -8.81
N PHE B 328 2.39 -35.89 -8.91
CA PHE B 328 2.20 -36.94 -9.91
C PHE B 328 1.07 -37.88 -9.52
N ASN B 329 0.86 -38.09 -8.22
CA ASN B 329 -0.30 -38.86 -7.78
C ASN B 329 -1.60 -38.16 -8.17
N GLN B 330 -1.62 -36.86 -8.11
CA GLN B 330 -2.79 -36.14 -8.51
C GLN B 330 -2.97 -36.28 -10.00
N ASP B 331 -1.92 -36.28 -10.78
CA ASP B 331 -2.04 -36.48 -12.23
C ASP B 331 -2.67 -37.84 -12.54
N LEU B 332 -2.28 -38.88 -11.80
CA LEU B 332 -2.86 -40.20 -12.03
C LEU B 332 -4.33 -40.23 -11.62
N ILE B 333 -4.67 -39.57 -10.51
CA ILE B 333 -6.06 -39.53 -10.07
C ILE B 333 -6.90 -38.68 -11.01
N ASN B 334 -6.37 -37.54 -11.44
CA ASN B 334 -7.13 -36.65 -12.32
C ASN B 334 -7.33 -37.28 -13.70
N LEU B 335 -6.29 -37.93 -14.24
CA LEU B 335 -6.44 -38.56 -15.55
C LEU B 335 -7.37 -39.76 -15.49
N ALA B 336 -7.39 -40.50 -14.39
CA ALA B 336 -8.30 -41.63 -14.27
C ALA B 336 -9.75 -41.17 -14.23
N ASP B 337 -10.03 -40.00 -13.66
CA ASP B 337 -11.38 -39.46 -13.64
C ASP B 337 -11.73 -38.72 -14.92
N ASN B 338 -10.76 -38.53 -15.81
CA ASN B 338 -11.04 -37.86 -17.08
C ASN B 338 -11.88 -38.77 -17.97
N PRO B 339 -13.01 -38.30 -18.50
CA PRO B 339 -13.83 -39.16 -19.35
C PRO B 339 -13.23 -39.41 -20.72
N HIS B 340 -12.29 -38.59 -21.16
CA HIS B 340 -11.63 -38.75 -22.44
C HIS B 340 -10.22 -39.34 -22.30
N ARG B 341 -9.97 -40.07 -21.22
CA ARG B 341 -8.63 -40.59 -20.96
C ARG B 341 -8.24 -41.66 -21.98
N ALA B 342 -9.21 -42.33 -22.58
CA ALA B 342 -8.96 -43.39 -23.55
C ALA B 342 -9.33 -42.99 -24.97
N GLU B 343 -9.57 -41.71 -25.21
CA GLU B 343 -9.99 -41.26 -26.53
C GLU B 343 -8.80 -41.10 -27.46
N THR B 344 -8.90 -41.64 -28.66
CA THR B 344 -7.81 -41.56 -29.63
C THR B 344 -7.72 -40.19 -30.30
N TYR B 345 -6.66 -39.99 -31.07
CA TYR B 345 -6.45 -38.72 -31.78
C TYR B 345 -7.66 -38.34 -32.62
N GLU B 346 -8.18 -39.28 -33.38
CA GLU B 346 -9.35 -39.05 -34.22
C GLU B 346 -10.57 -38.58 -33.41
N GLN B 347 -10.61 -38.89 -32.12
CA GLN B 347 -11.75 -38.47 -31.31
C GLN B 347 -11.50 -37.11 -30.67
N VAL B 348 -10.25 -36.83 -30.30
CA VAL B 348 -9.95 -35.57 -29.62
C VAL B 348 -10.00 -34.40 -30.59
N VAL B 349 -9.51 -34.65 -31.80
CA VAL B 349 -9.50 -33.68 -32.86
C VAL B 349 -10.88 -33.47 -33.39
N LYS B 350 -11.72 -34.39 -33.38
CA LYS B 350 -13.11 -34.26 -33.80
C LYS B 350 -13.93 -33.45 -32.80
N ALA B 351 -13.59 -33.52 -31.51
CA ALA B 351 -14.28 -32.70 -30.53
C ALA B 351 -13.90 -31.23 -30.64
N SER B 352 -12.71 -30.94 -31.19
CA SER B 352 -12.29 -29.56 -31.36
C SER B 352 -12.92 -28.93 -32.59
N ARG B 353 -13.10 -29.70 -33.64
CA ARG B 353 -13.82 -29.21 -34.78
C ARG B 353 -15.33 -29.14 -34.44
N MET B 354 -15.81 -29.97 -33.53
CA MET B 354 -17.21 -29.92 -33.04
C MET B 354 -17.47 -29.00 -31.84
N GLN B 355 -16.44 -28.33 -31.38
CA GLN B 355 -16.47 -27.35 -30.30
C GLN B 355 -17.03 -27.73 -28.94
N ALA B 356 -17.09 -29.03 -28.67
CA ALA B 356 -17.55 -29.56 -27.41
C ALA B 356 -16.26 -29.90 -26.76
N TYR B 357 -15.56 -28.87 -26.29
CA TYR B 357 -14.25 -29.03 -25.74
C TYR B 357 -14.19 -28.35 -24.39
N THR B 358 -14.73 -29.04 -23.38
CA THR B 358 -14.81 -28.67 -21.96
C THR B 358 -13.49 -28.58 -21.18
N SER B 359 -13.52 -28.29 -19.89
CA SER B 359 -12.31 -28.25 -19.07
C SER B 359 -11.60 -29.58 -19.00
N ALA B 360 -12.33 -30.67 -19.02
CA ALA B 360 -11.77 -32.00 -19.03
C ALA B 360 -10.92 -32.19 -20.25
N TYR B 361 -11.37 -31.70 -21.39
CA TYR B 361 -10.58 -31.82 -22.58
C TYR B 361 -9.38 -30.89 -22.49
N LYS B 362 -9.49 -29.77 -21.81
CA LYS B 362 -8.36 -28.89 -21.71
C LYS B 362 -7.23 -29.44 -20.86
N LYS B 363 -7.58 -30.23 -19.89
CA LYS B 363 -6.60 -30.77 -19.02
C LYS B 363 -6.05 -32.12 -19.35
N LEU B 364 -6.58 -32.74 -20.37
CA LEU B 364 -6.23 -34.12 -20.69
C LEU B 364 -4.76 -34.27 -21.07
N ALA B 365 -4.23 -33.35 -21.87
CA ALA B 365 -2.85 -33.49 -22.35
C ALA B 365 -1.85 -33.11 -21.27
N TYR B 366 -2.29 -32.39 -20.25
CA TYR B 366 -1.41 -31.97 -19.14
C TYR B 366 -1.13 -33.20 -18.29
N TYR B 367 -2.18 -33.93 -17.96
CA TYR B 367 -2.04 -35.17 -17.17
C TYR B 367 -1.27 -36.22 -17.99
N ARG B 368 -1.57 -36.36 -19.29
CA ARG B 368 -0.89 -37.34 -20.11
C ARG B 368 0.58 -37.01 -20.27
N GLY B 369 0.88 -35.77 -20.64
CA GLY B 369 2.27 -35.40 -20.94
C GLY B 369 3.16 -35.41 -19.71
N ALA B 370 2.62 -35.01 -18.56
CA ALA B 370 3.43 -34.97 -17.35
C ALA B 370 3.85 -36.38 -16.93
N LEU B 371 2.95 -37.35 -17.02
CA LEU B 371 3.29 -38.72 -16.64
C LEU B 371 4.20 -39.37 -17.66
N MET B 372 4.03 -39.06 -18.94
CA MET B 372 4.94 -39.58 -19.96
C MET B 372 6.36 -39.10 -19.73
N ALA B 373 6.52 -37.82 -19.41
CA ALA B 373 7.85 -37.28 -19.12
C ALA B 373 8.45 -37.95 -17.89
N LEU B 374 7.63 -38.17 -16.86
CA LEU B 374 8.12 -38.88 -15.67
C LEU B 374 8.58 -40.29 -16.01
N ASP B 375 7.85 -40.97 -16.89
CA ASP B 375 8.26 -42.30 -17.33
C ASP B 375 9.52 -42.23 -18.19
N TRP B 376 9.57 -41.29 -19.14
CA TRP B 376 10.72 -41.18 -20.03
C TRP B 376 11.99 -40.87 -19.24
N ASP B 377 11.89 -39.96 -18.26
CA ASP B 377 13.07 -39.63 -17.45
C ASP B 377 13.55 -40.86 -16.68
N ALA B 378 12.65 -41.59 -16.07
CA ALA B 378 12.99 -42.77 -15.36
C ALA B 378 13.63 -43.78 -16.27
N ARG B 379 13.11 -43.91 -17.48
CA ARG B 379 13.64 -44.87 -18.43
C ARG B 379 15.00 -44.45 -18.97
N LEU B 380 15.24 -43.14 -19.08
CA LEU B 380 16.53 -42.67 -19.58
C LEU B 380 17.60 -42.72 -18.49
N ARG B 381 17.24 -42.45 -17.25
CA ARG B 381 18.19 -42.39 -16.12
C ARG B 381 18.53 -43.80 -15.67
N ALA B 382 17.67 -44.78 -15.92
CA ALA B 382 17.96 -46.17 -15.58
C ALA B 382 19.07 -46.76 -16.44
N GLN B 383 19.40 -46.10 -17.54
CA GLN B 383 20.45 -46.53 -18.42
C GLN B 383 21.81 -46.45 -17.81
N GLY B 384 21.96 -45.63 -16.79
CA GLY B 384 23.24 -45.49 -16.11
C GLY B 384 24.34 -44.86 -16.93
N SER B 385 24.04 -44.38 -18.13
CA SER B 385 25.04 -43.74 -18.98
C SER B 385 25.09 -42.23 -18.80
N GLY B 386 24.52 -41.71 -17.71
CA GLY B 386 24.45 -40.29 -17.50
C GLY B 386 23.36 -39.58 -18.27
N ALA B 387 22.49 -40.32 -18.95
CA ALA B 387 21.42 -39.71 -19.73
C ALA B 387 20.27 -39.29 -18.82
N SER B 388 19.45 -38.37 -19.34
CA SER B 388 18.28 -37.88 -18.63
C SER B 388 17.36 -37.20 -19.64
N LEU B 389 16.09 -37.06 -19.23
CA LEU B 389 15.14 -36.32 -20.06
C LEU B 389 15.60 -34.88 -20.26
N GLY B 390 16.32 -34.33 -19.28
CA GLY B 390 16.83 -32.98 -19.37
C GLY B 390 18.01 -32.85 -20.32
N LYS B 391 18.96 -33.76 -20.20
CA LYS B 391 20.09 -33.78 -21.13
C LYS B 391 19.61 -33.98 -22.56
N LEU B 392 18.52 -34.67 -22.76
CA LEU B 392 18.02 -34.86 -24.08
C LEU B 392 17.25 -33.67 -24.58
N LEU B 393 16.61 -32.93 -23.70
CA LEU B 393 15.91 -31.72 -24.11
C LEU B 393 16.87 -30.60 -24.48
N ARG B 394 18.04 -30.57 -23.83
CA ARG B 394 19.05 -29.59 -24.22
C ARG B 394 19.60 -29.87 -25.61
N GLU B 395 19.75 -31.15 -25.96
CA GLU B 395 20.17 -31.51 -27.30
C GLU B 395 19.08 -31.20 -28.32
N LEU B 396 17.81 -31.44 -27.94
CA LEU B 396 16.70 -31.15 -28.82
C LEU B 396 16.57 -29.66 -29.07
N HIS B 397 16.82 -28.84 -28.04
CA HIS B 397 16.69 -27.40 -28.18
C HIS B 397 17.86 -26.81 -28.95
N ALA B 398 19.07 -27.30 -28.71
CA ALA B 398 20.23 -26.82 -29.46
C ALA B 398 20.11 -27.15 -30.94
N LEU B 399 19.59 -28.32 -31.27
CA LEU B 399 19.38 -28.69 -32.66
C LEU B 399 18.32 -27.81 -33.31
N ALA B 400 17.25 -27.51 -32.58
CA ALA B 400 16.15 -26.70 -33.12
C ALA B 400 16.57 -25.26 -33.40
N ALA B 401 17.72 -24.81 -32.87
CA ALA B 401 18.15 -23.44 -33.10
C ALA B 401 18.49 -23.18 -34.56
N GLY B 402 18.83 -24.22 -35.32
CA GLY B 402 19.14 -24.05 -36.73
C GLY B 402 17.93 -24.18 -37.62
N ARG B 403 16.73 -24.09 -37.02
CA ARG B 403 15.48 -24.20 -37.77
C ARG B 403 14.39 -23.33 -37.16
N GLY B 404 14.76 -22.20 -36.55
CA GLY B 404 13.78 -21.33 -35.94
C GLY B 404 13.10 -21.88 -34.72
N GLY B 405 13.77 -22.77 -33.98
CA GLY B 405 13.17 -23.36 -32.80
C GLY B 405 12.12 -24.40 -33.07
N GLU B 406 11.98 -24.85 -34.30
CA GLU B 406 11.02 -25.85 -34.61
C GLU B 406 11.67 -27.12 -35.12
N LEU B 407 11.01 -28.24 -34.94
CA LEU B 407 11.53 -29.54 -35.36
C LEU B 407 10.39 -30.36 -35.94
N SER B 408 10.65 -30.99 -37.09
CA SER B 408 9.67 -31.90 -37.67
C SER B 408 9.47 -33.09 -36.74
N GLU B 409 8.31 -33.75 -36.92
CA GLU B 409 7.99 -34.90 -36.08
C GLU B 409 9.05 -36.00 -36.22
N ASP B 410 9.55 -36.21 -37.43
CA ASP B 410 10.54 -37.26 -37.65
C ASP B 410 11.87 -36.90 -37.01
N ALA B 411 12.29 -35.64 -37.10
CA ALA B 411 13.55 -35.22 -36.48
C ALA B 411 13.48 -35.33 -34.97
N PHE B 412 12.33 -34.99 -34.38
CA PHE B 412 12.19 -35.04 -32.93
C PHE B 412 12.29 -36.47 -32.41
N PHE B 413 11.50 -37.39 -32.99
CA PHE B 413 11.52 -38.77 -32.55
C PHE B 413 12.80 -39.49 -32.93
N ASP B 414 13.52 -39.01 -33.95
CA ASP B 414 14.82 -39.59 -34.28
C ASP B 414 15.80 -39.40 -33.13
N VAL B 415 15.74 -38.28 -32.45
CA VAL B 415 16.64 -38.03 -31.37
C VAL B 415 16.37 -38.94 -30.22
N LEU B 416 15.12 -39.12 -29.87
CA LEU B 416 14.80 -39.97 -28.76
C LEU B 416 15.24 -41.37 -29.04
N ALA B 417 15.00 -41.86 -30.25
CA ALA B 417 15.42 -43.21 -30.58
C ALA B 417 16.94 -43.35 -30.51
N ALA B 418 17.68 -42.27 -30.73
CA ALA B 418 19.14 -42.34 -30.62
C ALA B 418 19.59 -42.52 -29.18
N HIS B 419 18.80 -42.03 -28.24
CA HIS B 419 19.14 -42.18 -26.85
C HIS B 419 18.55 -43.41 -26.22
N GLY B 420 18.17 -44.39 -27.00
CA GLY B 420 17.62 -45.63 -26.49
C GLY B 420 16.22 -45.50 -25.94
N LEU B 421 15.49 -44.45 -26.30
CA LEU B 421 14.14 -44.21 -25.80
C LEU B 421 13.14 -44.36 -26.95
N GLU B 422 12.09 -45.14 -26.72
CA GLU B 422 11.07 -45.39 -27.73
C GLU B 422 10.06 -44.24 -27.72
N GLY B 423 10.51 -43.09 -28.21
CA GLY B 423 9.66 -41.90 -28.21
C GLY B 423 8.51 -42.03 -29.18
N ARG B 424 8.79 -42.48 -30.41
CA ARG B 424 7.74 -42.58 -31.42
C ARG B 424 6.67 -43.59 -31.02
N GLY B 425 7.09 -44.71 -30.43
CA GLY B 425 6.11 -45.71 -30.02
C GLY B 425 5.21 -45.23 -28.90
N ASP B 426 5.77 -44.49 -27.94
CA ASP B 426 4.97 -43.97 -26.84
C ASP B 426 3.93 -42.97 -27.34
N PHE B 427 4.32 -42.09 -28.26
CA PHE B 427 3.41 -41.08 -28.77
C PHE B 427 2.26 -41.73 -29.55
N GLU B 428 2.59 -42.69 -30.41
CA GLU B 428 1.55 -43.37 -31.17
C GLU B 428 0.63 -44.19 -30.28
N ARG B 429 1.14 -44.65 -29.13
CA ARG B 429 0.36 -45.51 -28.24
C ARG B 429 -0.61 -44.69 -27.39
N HIS B 430 -0.05 -43.76 -26.65
CA HIS B 430 -0.77 -43.02 -25.66
C HIS B 430 -1.49 -41.78 -26.10
N ILE B 431 -0.99 -41.14 -27.14
CA ILE B 431 -1.58 -39.93 -27.70
C ILE B 431 -2.44 -40.25 -28.91
N LEU B 432 -1.93 -41.00 -29.85
CA LEU B 432 -2.73 -41.30 -31.02
C LEU B 432 -3.77 -42.33 -30.77
N ARG B 433 -3.42 -43.41 -30.11
CA ARG B 433 -4.36 -44.49 -29.87
C ARG B 433 -5.00 -44.43 -28.48
N GLY B 434 -4.56 -43.52 -27.62
CA GLY B 434 -5.18 -43.37 -26.32
C GLY B 434 -5.03 -44.54 -25.37
N GLU B 435 -4.00 -45.36 -25.56
CA GLU B 435 -3.78 -46.48 -24.66
C GLU B 435 -3.30 -45.99 -23.29
N PRO B 436 -3.58 -46.73 -22.22
CA PRO B 436 -3.21 -46.26 -20.88
C PRO B 436 -1.71 -46.13 -20.70
N ILE B 437 -1.31 -45.15 -19.90
CA ILE B 437 0.09 -44.82 -19.69
C ILE B 437 0.61 -45.58 -18.47
N THR B 438 1.77 -46.20 -18.63
CA THR B 438 2.44 -46.92 -17.56
C THR B 438 3.67 -46.14 -17.12
N VAL B 439 3.76 -45.87 -15.81
CA VAL B 439 4.89 -45.15 -15.24
C VAL B 439 5.81 -46.17 -14.56
N ALA B 440 7.10 -46.09 -14.82
CA ALA B 440 8.04 -47.01 -14.26
C ALA B 440 8.07 -46.89 -12.76
N PRO B 441 8.27 -48.01 -12.02
CA PRO B 441 8.23 -47.80 -10.57
C PRO B 441 9.34 -47.07 -9.88
N GLU B 442 10.45 -46.87 -10.55
CA GLU B 442 11.57 -46.19 -9.95
C GLU B 442 11.63 -44.69 -10.25
N ALA B 443 10.55 -44.10 -10.73
CA ALA B 443 10.52 -42.72 -11.11
C ALA B 443 10.63 -41.69 -10.09
N LEU B 444 10.31 -42.00 -8.87
CA LEU B 444 10.43 -41.01 -7.87
C LEU B 444 11.52 -41.30 -6.91
N GLY B 445 12.55 -41.99 -7.35
CA GLY B 445 13.65 -42.33 -6.51
C GLY B 445 13.43 -43.62 -5.78
N PRO B 446 14.47 -44.09 -5.11
CA PRO B 446 14.28 -45.31 -4.32
C PRO B 446 13.52 -45.10 -3.03
N ALA B 447 13.31 -43.86 -2.59
CA ALA B 447 12.56 -43.59 -1.37
C ALA B 447 11.05 -43.66 -1.57
N PHE B 448 10.58 -43.81 -2.81
CA PHE B 448 9.16 -43.89 -3.12
C PHE B 448 8.90 -45.12 -3.97
N VAL B 449 7.75 -45.76 -3.73
CA VAL B 449 7.38 -46.97 -4.44
C VAL B 449 5.88 -46.95 -4.72
N PRO B 450 5.46 -47.30 -5.91
CA PRO B 450 4.04 -47.28 -6.24
C PRO B 450 3.27 -48.42 -5.65
N ARG B 451 2.30 -48.12 -4.82
CA ARG B 451 1.50 -49.18 -4.26
C ARG B 451 0.04 -48.99 -4.61
N ALA B 452 -0.65 -50.09 -4.81
CA ALA B 452 -2.05 -50.07 -5.17
C ALA B 452 -2.92 -49.32 -4.19
N ARG B 453 -3.81 -48.51 -4.71
CA ARG B 453 -4.70 -47.73 -3.92
C ARG B 453 -6.01 -47.60 -4.61
N ASP B 454 -7.09 -47.66 -3.86
CA ASP B 454 -8.41 -47.52 -4.39
C ASP B 454 -8.90 -46.11 -4.23
N VAL B 455 -9.28 -45.48 -5.32
CA VAL B 455 -9.78 -44.14 -5.30
C VAL B 455 -11.17 -44.15 -5.85
N ALA B 456 -12.12 -43.56 -5.15
CA ALA B 456 -13.50 -43.55 -5.62
C ALA B 456 -13.61 -42.66 -6.85
N SER B 457 -14.24 -43.19 -7.91
CA SER B 457 -14.41 -42.43 -9.13
C SER B 457 -15.42 -41.29 -8.91
N PHE B 458 -15.40 -40.34 -9.83
CA PHE B 458 -16.27 -39.17 -9.76
C PHE B 458 -17.60 -39.52 -10.42
N ASP B 459 -18.65 -39.71 -9.63
CA ASP B 459 -19.94 -39.99 -10.14
C ASP B 459 -20.89 -39.08 -9.43
N PRO B 460 -21.43 -38.06 -10.09
CA PRO B 460 -22.36 -37.22 -9.37
C PRO B 460 -23.74 -37.83 -9.24
N GLY B 461 -24.07 -38.80 -10.05
CA GLY B 461 -25.36 -39.43 -9.98
C GLY B 461 -26.45 -38.67 -10.70
N LEU B 462 -26.07 -37.74 -11.55
CA LEU B 462 -27.01 -36.97 -12.32
C LEU B 462 -26.30 -36.39 -13.51
N SER B 463 -27.03 -36.08 -14.57
CA SER B 463 -26.36 -35.50 -15.70
C SER B 463 -26.15 -34.01 -15.40
N LEU B 464 -24.93 -33.60 -15.22
CA LEU B 464 -24.61 -32.24 -14.81
C LEU B 464 -24.93 -31.23 -15.91
N GLU B 465 -24.80 -31.63 -17.17
CA GLU B 465 -24.97 -30.71 -18.30
C GLU B 465 -26.42 -30.64 -18.79
N GLN B 466 -27.10 -31.77 -18.85
CA GLN B 466 -28.48 -31.76 -19.27
C GLN B 466 -29.30 -30.99 -18.28
N THR B 467 -28.92 -31.06 -17.00
CA THR B 467 -29.65 -30.31 -15.99
C THR B 467 -29.38 -28.88 -16.15
N PHE B 468 -28.10 -28.54 -16.18
CA PHE B 468 -27.73 -27.13 -16.32
C PHE B 468 -28.42 -26.51 -17.52
N LYS B 469 -28.50 -27.25 -18.63
CA LYS B 469 -29.10 -26.73 -19.85
C LYS B 469 -30.59 -26.45 -19.66
N ALA B 470 -31.31 -27.40 -19.09
CA ALA B 470 -32.77 -27.31 -18.95
C ALA B 470 -33.11 -26.61 -17.64
N ARG B 471 -32.11 -26.28 -16.81
CA ARG B 471 -32.30 -25.65 -15.50
C ARG B 471 -33.20 -26.49 -14.59
N VAL B 472 -33.29 -27.79 -14.88
CA VAL B 472 -34.13 -28.73 -14.18
C VAL B 472 -33.37 -30.00 -14.02
N LEU B 473 -33.39 -30.61 -12.83
CA LEU B 473 -32.67 -31.84 -12.63
C LEU B 473 -33.01 -32.91 -13.68
N LYS B 474 -32.09 -33.38 -14.49
CA LYS B 474 -32.45 -34.40 -15.45
C LYS B 474 -31.49 -35.56 -15.32
N GLY B 475 -31.95 -36.73 -15.66
CA GLY B 475 -31.18 -37.94 -15.55
C GLY B 475 -30.60 -38.25 -14.19
N VAL B 476 -31.41 -38.29 -13.15
CA VAL B 476 -30.87 -38.63 -11.86
C VAL B 476 -30.89 -40.15 -11.76
N ILE B 477 -29.74 -40.79 -11.61
CA ILE B 477 -29.62 -42.25 -11.62
C ILE B 477 -30.09 -42.77 -10.26
N PRO B 478 -31.14 -43.57 -10.22
CA PRO B 478 -31.63 -44.09 -8.93
C PRO B 478 -30.59 -44.98 -8.26
N GLY B 479 -30.36 -44.73 -6.98
CA GLY B 479 -29.31 -45.40 -6.24
C GLY B 479 -27.97 -44.68 -6.27
N GLY B 480 -27.80 -43.73 -7.19
CA GLY B 480 -26.59 -42.96 -7.27
C GLY B 480 -26.53 -41.90 -6.20
N PRO B 481 -25.38 -41.24 -6.00
CA PRO B 481 -25.19 -40.24 -4.94
C PRO B 481 -26.21 -39.17 -4.92
N ALA B 482 -26.54 -38.59 -6.03
CA ALA B 482 -27.53 -37.51 -6.02
C ALA B 482 -28.89 -38.03 -5.55
N TYR B 483 -29.28 -39.21 -6.02
CA TYR B 483 -30.56 -39.83 -5.59
C TYR B 483 -30.51 -40.03 -4.09
N GLU B 484 -29.41 -40.55 -3.60
CA GLU B 484 -29.28 -40.88 -2.22
C GLU B 484 -29.39 -39.71 -1.28
N ALA B 485 -29.14 -38.52 -1.76
CA ALA B 485 -29.29 -37.36 -0.93
C ALA B 485 -30.74 -36.92 -0.77
N GLY B 486 -31.66 -37.43 -1.59
CA GLY B 486 -33.05 -37.08 -1.53
C GLY B 486 -33.49 -36.46 -2.88
N LEU B 487 -32.54 -35.98 -3.69
CA LEU B 487 -32.82 -35.38 -4.98
C LEU B 487 -33.51 -36.34 -5.91
N ARG B 488 -34.44 -35.86 -6.71
CA ARG B 488 -35.15 -36.71 -7.62
C ARG B 488 -35.25 -35.96 -8.94
N GLU B 489 -35.36 -36.69 -10.04
CA GLU B 489 -35.39 -36.06 -11.36
C GLU B 489 -36.56 -35.15 -11.56
N GLY B 490 -36.33 -34.03 -12.23
CA GLY B 490 -37.38 -33.10 -12.49
C GLY B 490 -37.53 -32.35 -11.22
N MET B 491 -36.56 -31.52 -10.93
CA MET B 491 -36.67 -30.70 -9.77
C MET B 491 -36.09 -29.34 -10.13
N LYS B 492 -36.63 -28.29 -9.53
CA LYS B 492 -36.28 -26.90 -9.95
C LYS B 492 -34.84 -26.56 -9.57
N TRP B 493 -33.89 -26.90 -10.45
CA TRP B 493 -32.46 -26.64 -10.15
C TRP B 493 -32.26 -25.14 -9.96
N VAL B 494 -31.75 -24.73 -8.80
CA VAL B 494 -31.43 -23.30 -8.59
C VAL B 494 -29.95 -23.11 -8.91
N SER B 495 -29.04 -23.64 -8.07
CA SER B 495 -27.62 -23.41 -8.29
C SER B 495 -26.77 -24.62 -7.88
N ALA B 496 -25.47 -24.51 -8.07
CA ALA B 496 -24.55 -25.59 -7.72
C ALA B 496 -23.17 -25.04 -7.38
N ARG B 497 -22.45 -25.73 -6.52
CA ARG B 497 -21.15 -25.30 -6.09
C ARG B 497 -20.22 -26.48 -6.00
N ASN B 498 -18.96 -26.30 -6.37
CA ASN B 498 -17.94 -27.34 -6.35
C ASN B 498 -18.43 -28.61 -7.05
N SER B 499 -19.01 -28.42 -8.24
CA SER B 499 -19.42 -29.53 -9.09
C SER B 499 -18.60 -29.75 -10.36
N SER B 500 -17.76 -28.79 -10.73
CA SER B 500 -16.93 -28.88 -11.93
C SER B 500 -15.65 -29.64 -11.58
N ARG B 501 -15.52 -30.84 -12.11
CA ARG B 501 -14.42 -31.72 -11.71
C ARG B 501 -13.03 -31.25 -12.14
N PHE B 502 -12.92 -30.50 -13.22
CA PHE B 502 -11.61 -30.23 -13.82
C PHE B 502 -11.29 -28.73 -13.94
N VAL B 503 -11.99 -27.93 -13.17
CA VAL B 503 -11.66 -26.55 -13.09
C VAL B 503 -10.66 -26.49 -11.95
N ASN B 504 -9.79 -25.51 -11.98
CA ASN B 504 -8.73 -25.42 -11.00
C ASN B 504 -9.07 -25.53 -9.50
N GLY B 505 -10.23 -25.09 -9.05
CA GLY B 505 -10.51 -25.14 -7.64
C GLY B 505 -11.29 -26.29 -7.03
N TRP B 506 -11.49 -27.33 -7.79
CA TRP B 506 -12.24 -28.49 -7.31
C TRP B 506 -11.49 -29.18 -6.19
N ARG B 507 -12.20 -29.55 -5.13
CA ARG B 507 -11.62 -30.16 -4.00
C ARG B 507 -12.26 -31.52 -3.84
N ALA B 508 -11.48 -32.54 -3.57
CA ALA B 508 -12.02 -33.89 -3.43
C ALA B 508 -12.62 -34.12 -2.05
N ASP B 509 -12.16 -33.42 -1.03
CA ASP B 509 -12.66 -33.56 0.33
C ASP B 509 -13.87 -32.69 0.62
N LEU B 510 -14.33 -31.95 -0.35
CA LEU B 510 -15.47 -31.14 -0.14
C LEU B 510 -16.66 -31.70 -0.86
N PRO B 511 -17.86 -31.61 -0.25
CA PRO B 511 -19.03 -32.20 -0.89
C PRO B 511 -19.49 -31.36 -2.09
N LEU B 512 -20.26 -32.01 -2.95
CA LEU B 512 -20.85 -31.33 -4.09
C LEU B 512 -22.16 -30.68 -3.63
N GLU B 513 -22.30 -29.37 -3.80
CA GLU B 513 -23.51 -28.75 -3.36
C GLU B 513 -24.40 -28.50 -4.56
N ILE B 514 -25.68 -28.60 -4.33
CA ILE B 514 -26.73 -28.40 -5.33
C ILE B 514 -27.95 -27.83 -4.62
N ILE B 515 -28.46 -26.70 -5.07
CA ILE B 515 -29.62 -26.09 -4.46
C ILE B 515 -30.90 -26.21 -5.30
N VAL B 516 -32.01 -26.63 -4.70
CA VAL B 516 -33.28 -26.78 -5.39
C VAL B 516 -34.35 -26.04 -4.59
N GLU B 517 -35.58 -26.01 -5.09
CA GLU B 517 -36.70 -25.41 -4.36
C GLU B 517 -37.62 -26.53 -3.98
N ARG B 523 -33.73 -25.11 -1.00
CA ARG B 523 -33.19 -26.20 -0.20
C ARG B 523 -31.79 -26.51 -0.69
N ARG B 524 -30.84 -26.66 0.21
CA ARG B 524 -29.48 -26.95 -0.20
C ARG B 524 -29.18 -28.43 0.05
N PHE B 525 -28.71 -29.12 -0.99
CA PHE B 525 -28.31 -30.51 -0.88
C PHE B 525 -26.80 -30.63 -1.03
N ALA B 526 -26.20 -31.52 -0.23
CA ALA B 526 -24.76 -31.72 -0.25
C ALA B 526 -24.45 -33.21 -0.08
N PHE B 527 -23.56 -33.71 -0.91
CA PHE B 527 -23.16 -35.12 -0.86
C PHE B 527 -21.84 -35.28 -1.59
N PHE B 528 -21.12 -36.35 -1.25
CA PHE B 528 -19.90 -36.57 -1.99
C PHE B 528 -20.17 -37.43 -3.22
N PRO B 529 -19.46 -37.15 -4.33
CA PRO B 529 -19.62 -37.89 -5.59
C PRO B 529 -18.99 -39.29 -5.50
N ARG B 530 -19.68 -40.21 -4.85
CA ARG B 530 -19.19 -41.58 -4.70
C ARG B 530 -19.54 -42.44 -5.91
N GLY B 531 -18.58 -43.24 -6.36
CA GLY B 531 -18.79 -44.11 -7.50
C GLY B 531 -17.94 -45.36 -7.43
N PRO B 532 -18.02 -46.21 -8.47
CA PRO B 532 -17.25 -47.46 -8.53
C PRO B 532 -15.76 -47.22 -8.29
N VAL B 533 -15.24 -47.74 -7.18
CA VAL B 533 -13.83 -47.58 -6.85
C VAL B 533 -12.97 -48.16 -7.95
N ARG B 534 -11.89 -47.46 -8.29
CA ARG B 534 -10.85 -47.98 -9.17
C ARG B 534 -9.54 -48.06 -8.41
N THR B 535 -8.61 -48.84 -8.95
CA THR B 535 -7.30 -49.05 -8.34
C THR B 535 -6.23 -48.37 -9.18
N LEU B 536 -5.40 -47.55 -8.53
CA LEU B 536 -4.30 -46.86 -9.20
C LEU B 536 -3.02 -47.07 -8.40
N MET B 537 -1.90 -47.10 -9.13
CA MET B 537 -0.59 -47.27 -8.51
C MET B 537 -0.07 -45.90 -8.10
N LEU B 538 -0.41 -45.46 -6.91
CA LEU B 538 0.05 -44.19 -6.43
C LEU B 538 1.39 -44.36 -5.74
N PHE B 539 2.24 -43.35 -5.75
CA PHE B 539 3.58 -43.40 -5.19
C PHE B 539 3.52 -43.12 -3.69
N GLN B 540 4.11 -44.00 -2.91
CA GLN B 540 4.12 -43.86 -1.51
C GLN B 540 5.53 -43.84 -1.06
N PRO B 541 5.78 -43.30 0.14
CA PRO B 541 7.14 -43.33 0.69
C PRO B 541 7.48 -44.68 1.31
N ARG B 542 8.70 -44.84 1.81
CA ARG B 542 9.12 -46.09 2.43
C ARG B 542 9.14 -45.96 3.95
#